data_5N0K
#
_entry.id   5N0K
#
_cell.length_a   75.360
_cell.length_b   103.810
_cell.length_c   172.811
_cell.angle_alpha   90.00
_cell.angle_beta   90.00
_cell.angle_gamma   90.00
#
_symmetry.space_group_name_H-M   'P 21 21 21'
#
loop_
_entity.id
_entity.type
_entity.pdbx_description
1 polymer Ceruloplasmin
2 non-polymer 2-acetamido-2-deoxy-beta-D-glucopyranose
3 non-polymer 'COPPER (II) ION'
4 non-polymer 'CALCIUM ION'
5 non-polymer 'SODIUM ION'
6 water water
#
_entity_poly.entity_id   1
_entity_poly.type   'polypeptide(L)'
_entity_poly.pdbx_seq_one_letter_code
;MKFLLLSALLFLHSSLAWTREKHYYIGITEAVWDYASGSEEKELISVDTEQSNFYLRNGPDRIGRKYKKALYSEYTDGTF
TKTIDKPAWLGLLGPVIKAEVGDKVSVHVKNFASRPYTFHAHGVTYTKANEGAIYPDNTTDFQRADDKLFPGQQYLYVLR
ANEPSPGEGDSNCVTRIYHSHVDAPKDIASGLIGPLILCKKGSLHKEKEENIDQEFVLMFSVVDENLSWYLEDNIKTFCS
EPEKVDKDNEDFQESNRMYSINGYTFGSLPGLSMCAEDRVKWYLFGMGNEVDVHSALFHGQALTSKNYHTDIINLFPATL
IDVSMVAQNPGVWMLSCQNLNHLKAGLQAFFQVRDCNKPSPDDDIQDRHVRHYYIAAEETIWDYAPSGTDTFTGENLTSL
GSDSRVFFEQGATRIGGSYKKLVYREYTDDSFTNRKQRGPDEEHLGILGPVIWAEVGDIIRVTFHNKGQFPLSIQPMGVR
FTKENEGTYYGPDGRSSKQASHVAPKETFTYEWTVPKEMGPTYADPVCLSKMYYSGVDLTKDIFTGLIGPMKICKKGSLL
ADGRQKDVDKEFYLFATVFDENESLLLDDNIRMFTTAPENVDKEDEDFQESNKMHSMNGFMYGNLPGLNMCLGESIVWYL
FSAGNEADVHGIYFSGNTYLSKGERRDTANLFPHKSLTLLMTPDTEGSFDVECLTTDHYTGGMKQKYTVNQCKGQFEDVT
LYQGERTYYIAAVEVEWDYSPSRDWEMELHHLQEQNVSNAFLDKEEFFIGSKYKKVVYREFTDSTFREQVKRRAEEEHLG
ILGPLIHADVGDKVKVVFKNMASRPYSIHAHGVKTKSSTVAPTLPGEVRTYIWQIPERSGAGTEDSPCIPWAYYSTVDRV
KDLYSGLIGPLIVCRKSYVKVFNPKKKMEFSLLFLVFDENESWYLDDNINTYSDHPEKVNKDNEEFIESNKMHAINGKMF
GNLQGLTMHVGDEVNWYVMAMGNEIDLHTVHFHGHSFQYKHRGIHSSDVFDLFPGTYQTLEMFPQTPGTWLLHCHVTDHI
HAGMVTTYTVLPNQETKSG
;
_entity_poly.pdbx_strand_id   A
#
loop_
_chem_comp.id
_chem_comp.type
_chem_comp.name
_chem_comp.formula
CA non-polymer 'CALCIUM ION' 'Ca 2'
CU non-polymer 'COPPER (II) ION' 'Cu 2'
NA non-polymer 'SODIUM ION' 'Na 1'
NAG D-saccharide, beta linking 2-acetamido-2-deoxy-beta-D-glucopyranose 'C8 H15 N O6'
#
# COMPACT_ATOMS: atom_id res chain seq x y z
N ARG A 20 20.22 17.53 -25.55
CA ARG A 20 21.28 16.53 -25.87
C ARG A 20 20.61 15.26 -26.42
N GLU A 21 20.92 14.90 -27.65
CA GLU A 21 20.23 13.79 -28.34
C GLU A 21 20.95 12.48 -27.98
N LYS A 22 20.19 11.45 -27.57
CA LYS A 22 20.72 10.13 -27.20
C LYS A 22 19.95 9.02 -27.90
N HIS A 23 20.69 7.89 -28.07
CA HIS A 23 20.22 6.70 -28.83
C HIS A 23 20.44 5.47 -27.96
N TYR A 24 19.40 4.63 -27.85
CA TYR A 24 19.56 3.30 -27.31
C TYR A 24 19.03 2.29 -28.32
N TYR A 25 19.66 1.13 -28.38
CA TYR A 25 19.23 0.11 -29.32
C TYR A 25 18.82 -1.05 -28.37
N ILE A 26 17.55 -1.46 -28.47
CA ILE A 26 17.05 -2.50 -27.59
C ILE A 26 16.24 -3.51 -28.34
N GLY A 27 16.56 -4.78 -28.07
CA GLY A 27 15.99 -5.90 -28.80
C GLY A 27 15.20 -6.80 -27.86
N ILE A 28 14.14 -7.41 -28.41
CA ILE A 28 13.29 -8.34 -27.67
C ILE A 28 13.58 -9.76 -28.14
N THR A 29 13.97 -10.64 -27.24
CA THR A 29 14.22 -12.04 -27.62
C THR A 29 13.70 -13.00 -26.57
N GLU A 30 13.16 -14.11 -27.05
CA GLU A 30 12.81 -15.25 -26.20
C GLU A 30 14.08 -15.94 -25.76
N ALA A 31 14.09 -16.45 -24.54
CA ALA A 31 15.26 -17.09 -23.95
C ALA A 31 14.83 -17.69 -22.64
N VAL A 32 15.52 -18.70 -22.16
CA VAL A 32 15.12 -19.41 -20.92
C VAL A 32 15.75 -18.72 -19.71
N TRP A 33 14.92 -18.27 -18.75
CA TRP A 33 15.41 -17.55 -17.57
C TRP A 33 15.47 -18.50 -16.38
N ASP A 34 16.58 -18.44 -15.65
CA ASP A 34 16.77 -19.25 -14.45
C ASP A 34 16.56 -18.41 -13.17
N TYR A 35 15.47 -18.70 -12.47
CA TYR A 35 15.06 -17.92 -11.32
C TYR A 35 15.94 -18.16 -10.11
N ALA A 36 16.74 -19.21 -10.10
CA ALA A 36 17.49 -19.55 -8.90
C ALA A 36 18.88 -20.12 -9.13
N SER A 37 19.55 -19.68 -10.20
CA SER A 37 21.00 -19.93 -10.37
C SER A 37 21.74 -19.48 -9.10
N GLY A 38 22.19 -20.43 -8.28
CA GLY A 38 22.79 -20.11 -6.98
C GLY A 38 22.51 -21.16 -5.93
N SER A 39 21.33 -21.78 -6.01
CA SER A 39 20.92 -22.93 -5.16
C SER A 39 20.89 -22.52 -3.68
N GLU A 40 20.99 -23.52 -2.80
CA GLU A 40 21.37 -23.28 -1.42
C GLU A 40 22.26 -24.43 -0.88
N GLU A 41 23.55 -24.22 -0.57
CA GLU A 41 24.33 -22.95 -0.47
C GLU A 41 23.88 -21.94 0.62
N LYS A 42 22.88 -21.12 0.28
CA LYS A 42 22.36 -20.04 1.12
C LYS A 42 21.60 -20.55 2.38
N GLU A 43 21.76 -19.83 3.50
CA GLU A 43 20.92 -20.00 4.69
C GLU A 43 19.97 -18.79 4.78
N LEU A 44 18.69 -19.04 4.49
CA LEU A 44 17.66 -18.01 4.36
C LEU A 44 16.79 -17.90 5.60
N ILE A 45 16.18 -16.74 5.76
CA ILE A 45 15.18 -16.47 6.79
C ILE A 45 13.90 -17.30 6.55
N SER A 46 13.56 -18.14 7.53
CA SER A 46 12.24 -18.80 7.60
C SER A 46 11.84 -19.68 6.37
N VAL A 47 12.83 -20.40 5.86
CA VAL A 47 12.72 -21.26 4.69
C VAL A 47 13.51 -22.59 4.90
N ASP A 48 12.82 -23.70 4.62
CA ASP A 48 13.44 -25.05 4.59
C ASP A 48 13.47 -25.62 3.17
N THR A 49 14.06 -26.79 3.01
CA THR A 49 14.09 -27.51 1.75
C THR A 49 12.69 -27.67 1.12
N GLU A 50 11.70 -28.04 1.93
CA GLU A 50 10.33 -28.19 1.43
C GLU A 50 9.82 -26.94 0.75
N GLN A 51 9.85 -25.82 1.48
CA GLN A 51 9.35 -24.54 0.99
C GLN A 51 10.00 -24.13 -0.35
N SER A 52 11.33 -24.31 -0.48
CA SER A 52 12.01 -23.93 -1.72
C SER A 52 11.74 -24.92 -2.85
N ASN A 53 11.64 -26.20 -2.52
CA ASN A 53 11.30 -27.25 -3.49
C ASN A 53 9.98 -26.96 -4.15
N PHE A 54 9.02 -26.53 -3.33
CA PHE A 54 7.68 -26.14 -3.81
C PHE A 54 7.73 -25.30 -5.09
N TYR A 55 8.57 -24.26 -5.07
CA TYR A 55 8.69 -23.32 -6.18
C TYR A 55 9.75 -23.68 -7.20
N LEU A 56 10.82 -24.32 -6.74
CA LEU A 56 12.02 -24.47 -7.54
C LEU A 56 12.22 -25.84 -8.19
N ARG A 57 11.66 -26.90 -7.63
CA ARG A 57 11.98 -28.24 -8.14
C ARG A 57 11.07 -28.72 -9.26
N ASN A 58 11.73 -29.09 -10.37
CA ASN A 58 11.11 -29.81 -11.48
C ASN A 58 10.39 -31.10 -11.02
N GLY A 59 9.28 -31.41 -11.66
CA GLY A 59 8.53 -32.62 -11.34
C GLY A 59 7.70 -33.08 -12.52
N PRO A 60 6.86 -34.12 -12.30
CA PRO A 60 5.87 -34.57 -13.31
C PRO A 60 4.84 -33.49 -13.66
N ASP A 61 4.23 -32.93 -12.64
CA ASP A 61 3.18 -31.90 -12.79
C ASP A 61 3.74 -30.45 -12.70
N ARG A 62 5.00 -30.30 -12.21
CA ARG A 62 5.73 -29.02 -11.90
C ARG A 62 6.91 -28.60 -12.83
N ILE A 63 6.86 -27.36 -13.31
CA ILE A 63 7.87 -26.78 -14.24
C ILE A 63 9.29 -26.60 -13.65
N GLY A 64 9.36 -26.15 -12.39
CA GLY A 64 10.64 -25.87 -11.72
C GLY A 64 11.05 -24.41 -11.73
N ARG A 65 12.33 -24.16 -11.91
CA ARG A 65 12.90 -22.82 -11.78
C ARG A 65 13.27 -22.15 -13.08
N LYS A 66 13.14 -22.84 -14.21
CA LYS A 66 13.48 -22.26 -15.50
C LYS A 66 12.23 -22.06 -16.31
N TYR A 67 12.05 -20.88 -16.86
CA TYR A 67 10.91 -20.60 -17.71
C TYR A 67 11.37 -19.88 -18.96
N LYS A 68 10.76 -20.23 -20.08
CA LYS A 68 10.91 -19.46 -21.29
C LYS A 68 10.23 -18.11 -21.06
N LYS A 69 10.99 -17.04 -21.24
CA LYS A 69 10.50 -15.65 -21.06
C LYS A 69 10.91 -14.84 -22.25
N ALA A 70 10.26 -13.70 -22.47
CA ALA A 70 10.69 -12.70 -23.46
C ALA A 70 11.34 -11.55 -22.70
N LEU A 71 12.59 -11.23 -23.07
CA LEU A 71 13.37 -10.23 -22.38
C LEU A 71 13.92 -9.20 -23.33
N TYR A 72 14.11 -7.97 -22.81
CA TYR A 72 14.74 -6.87 -23.54
C TYR A 72 16.25 -6.96 -23.34
N SER A 73 17.03 -6.70 -24.38
CA SER A 73 18.49 -6.71 -24.29
C SER A 73 19.01 -5.51 -25.03
N GLU A 74 20.22 -5.08 -24.69
CA GLU A 74 20.82 -3.88 -25.29
C GLU A 74 21.81 -4.24 -26.38
N TYR A 75 21.75 -3.53 -27.50
CA TYR A 75 22.69 -3.73 -28.62
C TYR A 75 23.44 -2.44 -28.98
N THR A 76 24.64 -2.60 -29.57
CA THR A 76 25.52 -1.46 -29.89
C THR A 76 25.00 -0.54 -30.99
N ASP A 77 24.18 -1.10 -31.87
CA ASP A 77 23.98 -0.56 -33.19
CA ASP A 77 23.95 -0.50 -33.18
C ASP A 77 22.55 -0.79 -33.69
N GLY A 78 22.16 -0.03 -34.73
CA GLY A 78 20.93 -0.27 -35.49
C GLY A 78 20.86 -1.59 -36.27
N THR A 79 21.93 -2.40 -36.19
CA THR A 79 21.97 -3.76 -36.78
C THR A 79 21.63 -4.88 -35.80
N PHE A 80 21.78 -4.66 -34.49
CA PHE A 80 21.41 -5.66 -33.46
C PHE A 80 22.25 -6.93 -33.64
N THR A 81 23.53 -6.68 -33.93
CA THR A 81 24.47 -7.74 -34.24
C THR A 81 25.33 -8.11 -33.02
N LYS A 82 25.53 -7.18 -32.06
CA LYS A 82 26.13 -7.53 -30.74
C LYS A 82 25.59 -6.80 -29.49
N THR A 83 25.63 -7.52 -28.37
CA THR A 83 25.06 -7.08 -27.12
C THR A 83 26.04 -6.22 -26.33
N ILE A 84 25.45 -5.29 -25.57
CA ILE A 84 26.10 -4.63 -24.45
C ILE A 84 25.64 -5.40 -23.22
N ASP A 85 26.61 -5.90 -22.44
CA ASP A 85 26.35 -6.78 -21.28
C ASP A 85 25.55 -6.06 -20.20
N LYS A 86 24.51 -6.70 -19.67
CA LYS A 86 23.78 -6.13 -18.54
C LYS A 86 24.64 -6.25 -17.27
N PRO A 87 24.58 -5.26 -16.34
CA PRO A 87 25.17 -5.52 -15.01
C PRO A 87 24.60 -6.79 -14.40
N ALA A 88 25.39 -7.53 -13.63
CA ALA A 88 24.96 -8.87 -13.15
C ALA A 88 23.70 -8.81 -12.29
N TRP A 89 23.59 -7.74 -11.51
CA TRP A 89 22.45 -7.53 -10.59
C TRP A 89 21.15 -7.15 -11.28
N LEU A 90 21.20 -6.69 -12.53
CA LEU A 90 19.97 -6.36 -13.28
C LEU A 90 19.08 -7.54 -13.53
N GLY A 91 19.63 -8.74 -13.58
CA GLY A 91 18.82 -9.93 -13.81
C GLY A 91 18.03 -9.83 -15.11
N LEU A 92 16.72 -10.01 -15.01
CA LEU A 92 15.87 -10.09 -16.23
C LEU A 92 15.32 -8.76 -16.71
N LEU A 93 15.49 -7.71 -15.89
CA LEU A 93 15.12 -6.38 -16.32
C LEU A 93 15.85 -6.00 -17.60
N GLY A 94 15.18 -5.23 -18.44
CA GLY A 94 15.77 -4.64 -19.63
C GLY A 94 16.90 -3.71 -19.23
N PRO A 95 17.76 -3.36 -20.18
CA PRO A 95 18.90 -2.45 -19.91
C PRO A 95 18.47 -1.08 -19.38
N VAL A 96 19.35 -0.45 -18.61
CA VAL A 96 19.06 0.83 -18.02
C VAL A 96 19.12 1.93 -19.11
N ILE A 97 18.01 2.63 -19.29
CA ILE A 97 17.99 3.90 -20.02
C ILE A 97 18.13 5.06 -19.04
N LYS A 98 18.99 6.02 -19.36
CA LYS A 98 19.11 7.26 -18.60
C LYS A 98 18.71 8.44 -19.46
N ALA A 99 17.97 9.37 -18.88
CA ALA A 99 17.66 10.66 -19.54
C ALA A 99 17.78 11.84 -18.54
N GLU A 100 18.33 12.94 -19.03
CA GLU A 100 18.35 14.22 -18.34
C GLU A 100 17.29 15.16 -18.86
N VAL A 101 16.75 16.02 -18.00
CA VAL A 101 15.77 17.08 -18.42
C VAL A 101 16.29 17.80 -19.67
N GLY A 102 15.44 17.83 -20.71
CA GLY A 102 15.79 18.41 -21.99
C GLY A 102 16.33 17.46 -23.05
N ASP A 103 16.84 16.29 -22.66
CA ASP A 103 17.31 15.27 -23.63
C ASP A 103 16.17 14.79 -24.54
N LYS A 104 16.53 14.53 -25.80
CA LYS A 104 15.77 13.74 -26.76
C LYS A 104 16.41 12.36 -26.78
N VAL A 105 15.60 11.32 -26.55
CA VAL A 105 16.09 9.96 -26.46
C VAL A 105 15.34 9.15 -27.51
N SER A 106 16.14 8.47 -28.33
CA SER A 106 15.68 7.69 -29.42
C SER A 106 15.95 6.29 -28.95
N VAL A 107 14.88 5.49 -28.98
CA VAL A 107 15.00 4.12 -28.57
C VAL A 107 14.64 3.32 -29.81
N HIS A 108 15.66 2.70 -30.39
CA HIS A 108 15.50 1.84 -31.53
C HIS A 108 15.19 0.46 -30.89
N VAL A 109 13.98 -0.01 -31.25
CA VAL A 109 13.49 -1.29 -30.79
C VAL A 109 13.19 -2.24 -31.94
N LYS A 110 13.63 -3.50 -31.79
CA LYS A 110 13.36 -4.54 -32.76
C LYS A 110 12.93 -5.78 -32.01
N ASN A 111 11.89 -6.41 -32.53
CA ASN A 111 11.29 -7.58 -31.92
C ASN A 111 11.72 -8.87 -32.68
N PHE A 112 12.47 -9.73 -31.98
CA PHE A 112 12.91 -11.06 -32.46
C PHE A 112 12.23 -12.20 -31.67
N ALA A 113 10.99 -11.99 -31.24
CA ALA A 113 10.25 -13.01 -30.52
C ALA A 113 9.06 -13.47 -31.40
N SER A 114 8.28 -14.44 -30.93
CA SER A 114 7.23 -15.10 -31.73
C SER A 114 5.82 -14.46 -31.65
N ARG A 115 5.69 -13.29 -31.03
CA ARG A 115 4.40 -12.57 -30.94
C ARG A 115 4.60 -11.04 -30.86
N PRO A 116 3.52 -10.25 -31.08
CA PRO A 116 3.70 -8.83 -31.15
C PRO A 116 3.96 -8.23 -29.76
N TYR A 117 4.78 -7.18 -29.71
CA TYR A 117 5.22 -6.55 -28.47
C TYR A 117 5.53 -5.07 -28.72
N THR A 118 5.82 -4.30 -27.66
CA THR A 118 6.19 -2.87 -27.78
C THR A 118 7.22 -2.42 -26.74
N PHE A 119 7.58 -1.15 -26.87
CA PHE A 119 8.31 -0.40 -25.88
C PHE A 119 7.45 0.79 -25.50
N HIS A 120 7.12 0.86 -24.22
CA HIS A 120 6.34 1.94 -23.67
C HIS A 120 7.01 2.56 -22.44
N ALA A 121 7.27 3.86 -22.47
CA ALA A 121 8.07 4.56 -21.41
C ALA A 121 7.19 5.37 -20.47
N HIS A 122 7.43 5.26 -19.17
CA HIS A 122 6.85 6.13 -18.13
C HIS A 122 7.44 7.54 -17.93
N GLY A 123 8.72 7.72 -17.87
CA GLY A 123 9.11 9.03 -17.23
C GLY A 123 8.87 10.37 -17.94
N VAL A 124 8.22 10.32 -19.09
CA VAL A 124 8.84 10.98 -20.22
C VAL A 124 7.77 11.46 -21.22
N THR A 125 8.07 12.45 -22.09
CA THR A 125 7.04 12.94 -23.09
C THR A 125 7.22 12.31 -24.51
N TYR A 126 6.12 11.73 -25.00
CA TYR A 126 6.04 11.08 -26.31
C TYR A 126 4.74 11.55 -26.96
N THR A 127 4.72 11.61 -28.28
CA THR A 127 3.48 11.88 -29.03
C THR A 127 2.71 10.59 -29.09
N LYS A 128 1.49 10.64 -29.64
CA LYS A 128 0.71 9.41 -29.82
C LYS A 128 1.37 8.36 -30.72
N ALA A 129 2.23 8.79 -31.64
CA ALA A 129 3.02 7.90 -32.47
C ALA A 129 4.22 7.26 -31.74
N ASN A 130 4.49 7.67 -30.50
CA ASN A 130 5.69 7.24 -29.77
C ASN A 130 5.39 6.61 -28.40
N GLU A 131 4.13 6.24 -28.18
CA GLU A 131 3.64 5.72 -26.91
C GLU A 131 3.89 4.23 -26.73
N GLY A 132 3.75 3.44 -27.79
CA GLY A 132 3.94 1.99 -27.68
C GLY A 132 2.89 1.29 -26.84
N ALA A 133 1.64 1.74 -26.98
CA ALA A 133 0.53 1.11 -26.29
C ALA A 133 -0.72 1.15 -27.16
N ILE A 134 -1.43 0.03 -27.19
CA ILE A 134 -2.62 -0.10 -28.00
C ILE A 134 -3.92 -0.04 -27.18
N TYR A 135 -4.80 0.86 -27.60
CA TYR A 135 -6.10 1.02 -27.00
C TYR A 135 -6.92 1.98 -27.81
N PRO A 136 -8.24 2.01 -27.61
CA PRO A 136 -9.11 2.96 -28.32
C PRO A 136 -8.76 4.40 -28.04
N ASP A 137 -8.12 5.08 -29.00
CA ASP A 137 -7.62 6.46 -28.84
C ASP A 137 -7.89 7.41 -30.02
N ASN A 138 -8.81 7.04 -30.92
CA ASN A 138 -9.10 7.77 -32.16
C ASN A 138 -7.85 8.04 -33.02
N THR A 139 -6.79 7.24 -32.88
CA THR A 139 -5.64 7.32 -33.78
C THR A 139 -5.79 6.34 -34.99
N THR A 140 -5.05 6.64 -36.04
CA THR A 140 -5.14 5.89 -37.30
C THR A 140 -3.74 5.64 -37.85
N ASP A 141 -3.47 4.38 -38.22
CA ASP A 141 -2.39 4.01 -39.13
C ASP A 141 -1.02 4.62 -38.83
N PHE A 142 -0.77 5.86 -39.25
CA PHE A 142 0.54 6.56 -39.09
C PHE A 142 0.96 6.84 -37.63
N GLN A 143 0.44 6.03 -36.72
CA GLN A 143 0.23 6.40 -35.32
C GLN A 143 -0.02 5.16 -34.48
N ARG A 144 -0.52 4.10 -35.11
CA ARG A 144 -0.66 2.79 -34.49
C ARG A 144 0.49 1.86 -34.81
N ALA A 145 1.55 2.35 -35.44
CA ALA A 145 2.67 1.49 -35.84
C ALA A 145 3.58 1.20 -34.66
N ASP A 146 3.75 2.20 -33.80
CA ASP A 146 4.32 2.02 -32.44
C ASP A 146 3.63 1.03 -31.51
N ASP A 147 2.34 0.79 -31.73
CA ASP A 147 1.48 0.10 -30.77
C ASP A 147 1.53 -1.43 -30.81
N LYS A 148 2.09 -1.99 -31.88
CA LYS A 148 2.20 -3.45 -32.07
C LYS A 148 3.39 -3.75 -33.03
N LEU A 149 4.45 -4.38 -32.53
CA LEU A 149 5.58 -4.77 -33.34
C LEU A 149 5.55 -6.26 -33.48
N PHE A 150 5.22 -6.71 -34.69
CA PHE A 150 5.12 -8.11 -34.98
C PHE A 150 6.55 -8.64 -34.95
N PRO A 151 6.68 -9.99 -34.93
CA PRO A 151 7.99 -10.65 -35.11
C PRO A 151 8.72 -10.08 -36.33
N GLY A 152 10.01 -9.78 -36.16
CA GLY A 152 10.80 -9.12 -37.18
C GLY A 152 10.61 -7.62 -37.41
N GLN A 153 9.57 -7.01 -36.83
CA GLN A 153 9.37 -5.58 -37.03
C GLN A 153 10.25 -4.75 -36.12
N GLN A 154 10.41 -3.49 -36.52
CA GLN A 154 11.35 -2.57 -35.89
C GLN A 154 10.72 -1.18 -35.80
N TYR A 155 11.02 -0.46 -34.72
CA TYR A 155 10.55 0.92 -34.55
C TYR A 155 11.49 1.80 -33.75
N LEU A 156 11.48 3.06 -34.12
CA LEU A 156 12.27 4.06 -33.44
C LEU A 156 11.24 4.93 -32.69
N TYR A 157 11.34 4.75 -31.36
CA TYR A 157 10.60 5.53 -30.36
C TYR A 157 11.34 6.82 -29.93
N VAL A 158 10.70 7.96 -30.15
CA VAL A 158 11.25 9.29 -29.87
C VAL A 158 10.63 9.78 -28.57
N LEU A 159 11.45 9.79 -27.52
CA LEU A 159 11.10 10.31 -26.18
C LEU A 159 11.84 11.63 -25.90
N ARG A 160 11.16 12.56 -25.22
CA ARG A 160 11.79 13.79 -24.73
C ARG A 160 11.57 13.97 -23.22
N ALA A 161 12.62 14.26 -22.48
CA ALA A 161 12.54 14.53 -21.04
C ALA A 161 12.05 15.96 -20.78
N ASN A 162 10.76 16.20 -20.98
CA ASN A 162 10.15 17.55 -20.95
C ASN A 162 9.01 17.80 -19.96
N GLU A 163 8.52 16.78 -19.26
CA GLU A 163 7.57 17.08 -18.15
C GLU A 163 8.33 17.66 -16.93
N PRO A 164 7.60 18.01 -15.83
CA PRO A 164 8.30 18.41 -14.55
C PRO A 164 9.39 17.42 -14.11
N SER A 165 9.28 16.20 -14.58
CA SER A 165 10.44 15.32 -14.82
C SER A 165 10.77 14.94 -13.41
N PRO A 166 11.95 15.43 -12.84
CA PRO A 166 12.07 15.43 -11.38
C PRO A 166 11.84 16.80 -10.78
N GLY A 167 10.99 16.83 -9.77
CA GLY A 167 10.68 18.01 -9.02
C GLY A 167 11.83 18.56 -8.20
N GLU A 168 11.63 19.79 -7.76
CA GLU A 168 12.63 20.47 -6.96
C GLU A 168 12.87 19.77 -5.62
N GLY A 169 11.82 19.13 -5.09
CA GLY A 169 11.96 18.32 -3.89
C GLY A 169 12.36 16.85 -4.11
N ASP A 170 12.44 16.42 -5.35
CA ASP A 170 12.89 15.07 -5.68
C ASP A 170 14.42 15.01 -5.73
N SER A 171 14.94 13.78 -5.68
CA SER A 171 16.36 13.54 -5.90
C SER A 171 16.84 14.02 -7.27
N ASN A 172 18.15 14.13 -7.42
CA ASN A 172 18.73 14.47 -8.73
C ASN A 172 18.26 13.48 -9.80
N CYS A 173 18.22 12.19 -9.44
CA CYS A 173 17.73 11.11 -10.33
C CYS A 173 16.60 10.32 -9.64
N VAL A 174 15.58 9.97 -10.40
CA VAL A 174 14.39 9.27 -9.90
C VAL A 174 14.08 8.06 -10.77
N THR A 175 13.22 7.16 -10.27
CA THR A 175 12.95 5.95 -10.96
C THR A 175 11.72 6.06 -11.80
N ARG A 176 11.89 5.68 -13.07
CA ARG A 176 10.80 5.47 -13.99
C ARG A 176 11.04 4.09 -14.61
N ILE A 177 10.09 3.63 -15.41
CA ILE A 177 10.16 2.29 -16.01
C ILE A 177 9.73 2.34 -17.45
N TYR A 178 10.02 1.25 -18.16
CA TYR A 178 9.45 1.01 -19.49
C TYR A 178 9.05 -0.44 -19.57
N HIS A 179 8.07 -0.71 -20.41
CA HIS A 179 7.59 -2.07 -20.58
C HIS A 179 6.71 -2.22 -21.85
N SER A 180 6.44 -3.45 -22.24
CA SER A 180 5.61 -3.68 -23.42
C SER A 180 4.16 -3.48 -23.03
N HIS A 181 3.34 -3.08 -23.98
CA HIS A 181 1.97 -2.67 -23.69
C HIS A 181 1.00 -3.02 -24.80
N VAL A 182 1.07 -4.28 -25.21
CA VAL A 182 0.08 -4.88 -26.09
C VAL A 182 -1.04 -5.25 -25.14
N ASP A 183 -0.75 -6.23 -24.27
CA ASP A 183 -1.52 -6.46 -23.04
C ASP A 183 -0.50 -6.33 -21.91
N ALA A 184 -0.44 -5.15 -21.32
CA ALA A 184 0.70 -4.83 -20.49
C ALA A 184 0.93 -5.86 -19.39
N PRO A 185 -0.13 -6.26 -18.65
CA PRO A 185 0.14 -7.22 -17.58
C PRO A 185 0.73 -8.53 -18.06
N LYS A 186 0.23 -9.10 -19.17
CA LYS A 186 0.75 -10.37 -19.67
C LYS A 186 2.16 -10.22 -20.23
N ASP A 187 2.40 -9.13 -20.94
CA ASP A 187 3.72 -8.80 -21.48
C ASP A 187 4.78 -8.61 -20.40
N ILE A 188 4.40 -8.01 -19.27
CA ILE A 188 5.33 -7.77 -18.16
C ILE A 188 5.64 -9.11 -17.49
N ALA A 189 4.59 -9.90 -17.27
CA ALA A 189 4.75 -11.17 -16.63
C ALA A 189 5.67 -12.03 -17.48
N SER A 190 5.53 -11.91 -18.82
CA SER A 190 6.42 -12.56 -19.80
C SER A 190 7.88 -12.10 -19.76
N GLY A 191 8.12 -10.88 -19.27
CA GLY A 191 9.46 -10.40 -18.90
C GLY A 191 9.87 -9.08 -19.51
N LEU A 192 8.96 -8.42 -20.22
CA LEU A 192 9.30 -7.16 -20.87
C LEU A 192 9.10 -5.92 -19.96
N ILE A 193 10.10 -5.69 -19.12
CA ILE A 193 10.09 -4.55 -18.19
C ILE A 193 11.54 -4.17 -17.99
N GLY A 194 11.78 -2.87 -17.95
CA GLY A 194 13.10 -2.33 -17.61
C GLY A 194 13.02 -0.97 -16.95
N PRO A 195 14.17 -0.44 -16.47
CA PRO A 195 14.27 0.88 -15.88
C PRO A 195 14.69 2.00 -16.80
N LEU A 196 14.10 3.17 -16.55
CA LEU A 196 14.48 4.43 -17.18
C LEU A 196 14.72 5.38 -16.01
N ILE A 197 15.98 5.76 -15.81
CA ILE A 197 16.37 6.68 -14.75
C ILE A 197 16.36 8.11 -15.31
N LEU A 198 15.55 8.96 -14.69
CA LEU A 198 15.32 10.30 -15.19
C LEU A 198 15.99 11.25 -14.24
N CYS A 199 16.82 12.14 -14.76
CA CYS A 199 17.63 13.02 -13.93
C CYS A 199 17.52 14.51 -14.24
N LYS A 200 17.81 15.31 -13.24
CA LYS A 200 17.91 16.75 -13.41
C LYS A 200 19.09 17.06 -14.34
N LYS A 201 18.94 18.08 -15.17
CA LYS A 201 20.05 18.60 -15.94
C LYS A 201 21.13 19.16 -14.98
N GLY A 202 22.42 19.03 -15.24
CA GLY A 202 23.07 17.89 -15.80
C GLY A 202 23.73 17.32 -14.54
N SER A 203 23.02 16.38 -13.91
CA SER A 203 23.59 15.61 -12.79
C SER A 203 24.45 14.36 -13.20
N LEU A 204 24.45 13.98 -14.48
CA LEU A 204 25.23 12.82 -14.96
C LEU A 204 26.65 13.12 -15.51
N HIS A 205 27.56 12.17 -15.29
CA HIS A 205 28.90 12.15 -15.88
C HIS A 205 29.15 10.70 -16.28
N LYS A 206 29.44 10.50 -17.55
CA LYS A 206 29.66 9.16 -18.12
C LYS A 206 28.48 8.27 -17.74
N GLU A 207 27.27 8.84 -17.85
CA GLU A 207 26.01 8.14 -17.56
C GLU A 207 25.74 7.75 -16.08
N LYS A 208 26.55 8.27 -15.16
CA LYS A 208 26.45 7.95 -13.76
C LYS A 208 26.31 9.26 -12.97
N GLU A 209 25.43 9.29 -11.97
CA GLU A 209 25.27 10.50 -11.16
C GLU A 209 26.57 10.90 -10.48
N GLU A 210 26.96 12.17 -10.62
CA GLU A 210 28.13 12.70 -9.95
C GLU A 210 27.97 12.66 -8.43
N ASN A 211 29.08 12.33 -7.79
CA ASN A 211 29.19 12.10 -6.33
C ASN A 211 28.36 10.93 -5.80
N ILE A 212 28.01 9.97 -6.65
CA ILE A 212 27.35 8.75 -6.24
C ILE A 212 28.30 7.65 -6.65
N ASP A 213 28.58 6.75 -5.72
CA ASP A 213 29.53 5.65 -5.95
C ASP A 213 28.86 4.40 -6.53
N GLN A 214 27.59 4.16 -6.20
CA GLN A 214 26.85 2.98 -6.68
C GLN A 214 25.41 3.29 -7.03
N GLU A 215 24.97 2.77 -8.16
CA GLU A 215 23.59 2.92 -8.55
C GLU A 215 23.02 1.51 -8.81
N PHE A 216 22.00 1.12 -8.04
CA PHE A 216 21.32 -0.16 -8.26
C PHE A 216 19.84 0.05 -8.56
N VAL A 217 19.31 -0.83 -9.41
CA VAL A 217 17.92 -0.86 -9.75
C VAL A 217 17.39 -2.22 -9.35
N LEU A 218 16.30 -2.22 -8.57
CA LEU A 218 15.65 -3.45 -8.11
C LEU A 218 14.15 -3.42 -8.31
N MET A 219 13.64 -4.45 -8.96
CA MET A 219 12.21 -4.69 -9.08
C MET A 219 11.77 -5.78 -8.09
N PHE A 220 10.80 -5.49 -7.22
CA PHE A 220 10.24 -6.48 -6.32
C PHE A 220 9.00 -6.92 -6.99
N SER A 221 8.91 -8.19 -7.27
CA SER A 221 7.78 -8.71 -7.96
C SER A 221 7.53 -10.20 -7.68
N VAL A 222 6.26 -10.54 -7.52
CA VAL A 222 5.82 -11.93 -7.57
C VAL A 222 5.58 -12.21 -9.06
N VAL A 223 6.65 -12.57 -9.76
CA VAL A 223 6.53 -12.76 -11.21
C VAL A 223 5.64 -13.99 -11.51
N ASP A 224 4.48 -13.74 -12.10
CA ASP A 224 3.47 -14.78 -12.26
C ASP A 224 3.56 -15.50 -13.62
N GLU A 225 4.22 -16.67 -13.61
CA GLU A 225 4.41 -17.43 -14.86
C GLU A 225 3.06 -18.07 -15.37
N ASN A 226 1.98 -18.04 -14.57
CA ASN A 226 0.66 -18.43 -15.10
C ASN A 226 0.10 -17.40 -16.03
N LEU A 227 0.55 -16.15 -15.88
CA LEU A 227 0.14 -15.09 -16.75
C LEU A 227 1.00 -14.91 -17.97
N SER A 228 2.25 -15.37 -17.94
CA SER A 228 3.11 -15.31 -19.12
C SER A 228 2.45 -15.94 -20.37
N TRP A 229 2.71 -15.31 -21.51
CA TRP A 229 2.37 -15.86 -22.81
C TRP A 229 2.98 -17.28 -23.02
N TYR A 230 4.11 -17.54 -22.39
CA TYR A 230 4.86 -18.76 -22.57
C TYR A 230 4.47 -19.82 -21.54
N LEU A 231 3.29 -19.75 -20.94
CA LEU A 231 2.89 -20.80 -19.99
C LEU A 231 2.74 -22.17 -20.70
N GLU A 232 2.06 -22.19 -21.86
CA GLU A 232 1.78 -23.47 -22.57
C GLU A 232 3.10 -24.02 -23.09
N ASP A 233 3.90 -23.17 -23.75
CA ASP A 233 5.28 -23.51 -24.16
C ASP A 233 6.09 -24.12 -23.01
N ASN A 234 5.94 -23.58 -21.79
CA ASN A 234 6.68 -24.03 -20.61
C ASN A 234 6.14 -25.32 -19.98
N ILE A 235 4.82 -25.55 -20.10
CA ILE A 235 4.24 -26.83 -19.69
C ILE A 235 4.76 -27.94 -20.63
N LYS A 236 4.74 -27.67 -21.95
CA LYS A 236 5.26 -28.59 -22.99
C LYS A 236 6.74 -28.97 -22.75
N THR A 237 7.56 -28.00 -22.39
CA THR A 237 9.01 -28.22 -22.23
C THR A 237 9.42 -28.95 -20.92
N PHE A 238 8.76 -28.66 -19.80
CA PHE A 238 9.26 -29.07 -18.46
C PHE A 238 8.41 -30.05 -17.65
N CYS A 239 7.10 -30.09 -17.89
CA CYS A 239 6.23 -31.05 -17.21
C CYS A 239 6.41 -32.42 -17.94
N SER A 240 7.15 -33.34 -17.30
CA SER A 240 7.42 -34.69 -17.88
C SER A 240 6.16 -35.60 -18.08
N GLU A 241 5.00 -35.20 -17.55
CA GLU A 241 3.70 -35.82 -17.86
C GLU A 241 2.63 -34.72 -17.95
N PRO A 242 2.25 -34.26 -19.17
CA PRO A 242 1.32 -33.11 -19.25
C PRO A 242 -0.19 -33.47 -19.11
N GLU A 243 -0.53 -34.30 -18.11
CA GLU A 243 -1.86 -34.96 -17.97
C GLU A 243 -2.73 -34.41 -16.81
N LYS A 244 -2.39 -34.78 -15.56
CA LYS A 244 -3.18 -34.38 -14.36
C LYS A 244 -3.09 -32.88 -14.01
N VAL A 245 -2.12 -32.17 -14.60
CA VAL A 245 -2.09 -30.70 -14.60
C VAL A 245 -3.40 -30.07 -15.09
N ASP A 246 -4.27 -29.82 -14.12
CA ASP A 246 -5.33 -28.86 -14.23
C ASP A 246 -4.61 -27.51 -14.03
N LYS A 247 -4.66 -26.60 -15.00
CA LYS A 247 -4.07 -25.25 -14.82
C LYS A 247 -4.80 -24.41 -13.76
N ASP A 248 -6.05 -24.76 -13.43
CA ASP A 248 -6.79 -24.20 -12.29
C ASP A 248 -6.26 -24.63 -10.92
N ASN A 249 -5.51 -25.75 -10.88
CA ASN A 249 -4.99 -26.32 -9.63
C ASN A 249 -4.21 -25.26 -8.84
N GLU A 250 -4.68 -24.95 -7.64
CA GLU A 250 -4.16 -23.86 -6.85
C GLU A 250 -2.69 -24.09 -6.49
N ASP A 251 -2.36 -25.29 -6.00
CA ASP A 251 -0.97 -25.62 -5.71
C ASP A 251 -0.05 -25.46 -6.94
N PHE A 252 -0.55 -25.73 -8.15
CA PHE A 252 0.27 -25.62 -9.38
C PHE A 252 0.47 -24.13 -9.79
N GLN A 253 -0.61 -23.35 -9.76
CA GLN A 253 -0.54 -21.91 -10.04
C GLN A 253 0.52 -21.23 -9.15
N GLU A 254 0.45 -21.52 -7.85
CA GLU A 254 1.35 -20.99 -6.83
C GLU A 254 2.81 -21.37 -7.09
N SER A 255 3.04 -22.58 -7.58
CA SER A 255 4.40 -22.97 -7.89
C SER A 255 4.98 -22.21 -9.10
N ASN A 256 4.11 -21.55 -9.88
CA ASN A 256 4.52 -20.64 -10.96
C ASN A 256 4.65 -19.17 -10.54
N ARG A 257 4.50 -18.90 -9.25
CA ARG A 257 4.67 -17.55 -8.73
C ARG A 257 6.07 -17.42 -8.08
N MET A 258 6.94 -16.64 -8.72
CA MET A 258 8.35 -16.61 -8.35
C MET A 258 8.65 -15.30 -7.62
N TYR A 259 8.78 -15.39 -6.30
CA TYR A 259 8.80 -14.21 -5.44
C TYR A 259 10.25 -13.69 -5.43
N SER A 260 10.51 -12.68 -6.24
CA SER A 260 11.85 -12.36 -6.68
C SER A 260 12.18 -10.87 -6.68
N ILE A 261 13.49 -10.61 -6.77
CA ILE A 261 14.04 -9.31 -7.07
C ILE A 261 14.81 -9.39 -8.37
N ASN A 262 14.38 -8.64 -9.37
CA ASN A 262 14.96 -8.72 -10.70
C ASN A 262 14.96 -10.15 -11.24
N GLY A 263 13.96 -10.93 -10.83
CA GLY A 263 13.83 -12.32 -11.26
C GLY A 263 14.79 -13.30 -10.64
N TYR A 264 15.31 -12.98 -9.45
CA TYR A 264 16.15 -13.89 -8.68
C TYR A 264 15.39 -14.17 -7.37
N THR A 265 15.21 -15.48 -7.09
CA THR A 265 14.53 -15.96 -5.90
CA THR A 265 14.52 -15.96 -5.91
C THR A 265 15.51 -16.67 -4.99
N PHE A 266 15.09 -16.93 -3.75
CA PHE A 266 15.82 -17.72 -2.77
C PHE A 266 17.29 -17.36 -2.59
N GLY A 267 17.54 -16.05 -2.50
CA GLY A 267 18.86 -15.53 -2.17
C GLY A 267 19.82 -15.54 -3.32
N SER A 268 19.33 -15.70 -4.54
CA SER A 268 20.21 -15.89 -5.70
C SER A 268 20.69 -14.62 -6.42
N LEU A 269 20.14 -13.44 -6.10
CA LEU A 269 20.54 -12.18 -6.76
C LEU A 269 22.04 -11.98 -6.57
N PRO A 270 22.79 -11.91 -7.69
CA PRO A 270 24.24 -11.70 -7.63
C PRO A 270 24.66 -10.23 -7.77
N GLY A 271 25.83 -9.90 -7.25
CA GLY A 271 26.55 -8.67 -7.66
C GLY A 271 26.24 -7.37 -6.95
N LEU A 272 25.53 -7.43 -5.82
CA LEU A 272 25.24 -6.23 -5.03
C LEU A 272 26.36 -5.93 -4.03
N SER A 273 27.51 -5.52 -4.58
CA SER A 273 28.68 -5.24 -3.77
C SER A 273 28.97 -3.74 -3.76
N MET A 274 29.63 -3.29 -2.72
CA MET A 274 29.89 -1.88 -2.53
C MET A 274 30.88 -1.81 -1.41
N CYS A 275 31.43 -0.63 -1.20
CA CYS A 275 32.38 -0.35 -0.13
C CYS A 275 31.72 0.40 0.98
N ALA A 276 32.16 0.15 2.21
CA ALA A 276 31.77 1.01 3.32
C ALA A 276 32.13 2.45 3.00
N GLU A 277 31.19 3.35 3.29
CA GLU A 277 31.25 4.80 2.95
C GLU A 277 30.84 5.13 1.53
N ASP A 278 30.55 4.13 0.70
CA ASP A 278 29.92 4.43 -0.58
C ASP A 278 28.59 5.20 -0.40
N ARG A 279 28.42 6.24 -1.22
CA ARG A 279 27.14 6.91 -1.41
C ARG A 279 26.37 6.15 -2.52
N VAL A 280 25.28 5.49 -2.11
CA VAL A 280 24.51 4.57 -2.91
C VAL A 280 23.13 5.18 -3.20
N LYS A 281 22.67 5.02 -4.45
CA LYS A 281 21.27 5.22 -4.80
C LYS A 281 20.63 3.87 -5.15
N TRP A 282 19.48 3.59 -4.55
CA TRP A 282 18.68 2.43 -4.88
C TRP A 282 17.43 2.89 -5.62
N TYR A 283 17.18 2.37 -6.82
CA TYR A 283 16.05 2.76 -7.67
C TYR A 283 15.15 1.59 -7.64
N LEU A 284 14.03 1.74 -6.94
CA LEU A 284 13.19 0.61 -6.62
C LEU A 284 11.85 0.74 -7.25
N PHE A 285 11.29 -0.38 -7.68
CA PHE A 285 9.92 -0.40 -8.06
C PHE A 285 9.31 -1.77 -7.83
N GLY A 286 8.00 -1.74 -7.66
CA GLY A 286 7.18 -2.92 -7.53
C GLY A 286 6.49 -3.18 -8.86
N MET A 287 6.10 -4.42 -9.07
CA MET A 287 5.32 -4.77 -10.24
C MET A 287 4.44 -5.97 -9.96
N GLY A 288 3.21 -5.95 -10.46
CA GLY A 288 2.40 -7.15 -10.62
C GLY A 288 0.95 -6.96 -10.28
N ASN A 289 0.49 -7.68 -9.28
CA ASN A 289 -0.93 -7.88 -9.04
C ASN A 289 -1.27 -7.57 -7.57
N GLU A 290 -2.41 -8.06 -7.09
CA GLU A 290 -2.86 -7.74 -5.76
C GLU A 290 -1.98 -8.32 -4.66
N VAL A 291 -1.37 -9.49 -4.88
CA VAL A 291 -0.40 -10.08 -3.92
C VAL A 291 0.89 -9.26 -3.79
N ASP A 292 1.16 -8.38 -4.74
CA ASP A 292 2.36 -7.54 -4.69
C ASP A 292 2.31 -6.38 -3.70
N VAL A 293 2.20 -6.74 -2.40
CA VAL A 293 2.34 -5.86 -1.28
C VAL A 293 3.72 -6.17 -0.75
N HIS A 294 4.68 -5.31 -1.06
CA HIS A 294 6.07 -5.52 -0.67
C HIS A 294 6.54 -4.55 0.38
N SER A 295 7.50 -5.03 1.19
CA SER A 295 8.08 -4.25 2.29
C SER A 295 9.57 -4.56 2.31
N ALA A 296 10.30 -3.84 1.48
CA ALA A 296 11.75 -3.98 1.39
C ALA A 296 12.48 -3.50 2.63
N LEU A 297 13.29 -4.39 3.23
CA LEU A 297 14.17 -4.04 4.31
C LEU A 297 15.61 -4.29 3.90
N PHE A 298 16.46 -3.28 4.00
CA PHE A 298 17.91 -3.41 3.84
C PHE A 298 18.48 -3.58 5.22
N HIS A 299 18.73 -4.82 5.62
CA HIS A 299 19.11 -5.09 7.00
C HIS A 299 20.47 -4.44 7.35
N GLY A 300 20.51 -3.87 8.53
CA GLY A 300 21.69 -3.29 9.04
C GLY A 300 22.03 -1.96 8.40
N GLN A 301 21.17 -1.38 7.56
CA GLN A 301 21.55 -0.13 6.91
C GLN A 301 20.65 1.03 7.28
N ALA A 302 21.09 2.23 6.90
CA ALA A 302 20.39 3.45 7.22
C ALA A 302 20.00 4.17 5.93
N LEU A 303 18.69 4.31 5.71
CA LEU A 303 18.17 4.81 4.44
C LEU A 303 17.44 6.15 4.59
N THR A 304 17.50 6.97 3.55
CA THR A 304 16.58 8.10 3.41
C THR A 304 15.92 8.17 2.07
N SER A 305 14.74 8.79 2.04
CA SER A 305 13.98 9.09 0.85
C SER A 305 13.30 10.44 1.03
N LYS A 306 13.39 11.30 0.03
CA LYS A 306 12.91 12.69 0.11
C LYS A 306 13.30 13.41 1.39
N ASN A 307 14.52 13.15 1.86
CA ASN A 307 15.12 13.73 3.05
C ASN A 307 14.46 13.37 4.38
N TYR A 308 13.67 12.30 4.35
CA TYR A 308 13.07 11.71 5.54
C TYR A 308 13.73 10.38 5.76
N HIS A 309 13.91 10.00 7.02
CA HIS A 309 14.42 8.67 7.35
C HIS A 309 13.40 7.59 6.91
N THR A 310 13.86 6.52 6.31
CA THR A 310 13.00 5.38 5.98
C THR A 310 13.61 4.12 6.55
N ASP A 311 12.76 3.28 7.10
CA ASP A 311 13.12 1.97 7.59
C ASP A 311 12.62 0.85 6.69
N ILE A 312 11.48 1.01 6.05
CA ILE A 312 10.97 0.02 5.16
C ILE A 312 10.58 0.75 3.90
N ILE A 313 10.80 0.14 2.75
CA ILE A 313 10.32 0.70 1.49
C ILE A 313 9.19 -0.20 0.98
N ASN A 314 7.99 0.36 0.95
CA ASN A 314 6.82 -0.37 0.44
C ASN A 314 6.68 -0.16 -1.02
N LEU A 315 6.28 -1.22 -1.71
CA LEU A 315 6.26 -1.21 -3.18
C LEU A 315 5.05 -1.98 -3.58
N PHE A 316 4.29 -1.42 -4.50
CA PHE A 316 3.09 -2.01 -5.06
C PHE A 316 3.24 -2.08 -6.60
N PRO A 317 2.22 -2.58 -7.31
CA PRO A 317 2.40 -2.59 -8.77
C PRO A 317 2.64 -1.19 -9.38
N ALA A 318 3.85 -1.00 -9.88
CA ALA A 318 4.37 0.20 -10.49
C ALA A 318 4.64 1.35 -9.53
N THR A 319 4.71 1.07 -8.23
CA THR A 319 5.27 2.05 -7.33
C THR A 319 6.70 2.42 -7.74
N LEU A 320 6.97 3.72 -7.81
CA LEU A 320 8.27 4.23 -8.20
C LEU A 320 8.84 5.03 -7.07
N ILE A 321 10.03 4.67 -6.61
CA ILE A 321 10.69 5.38 -5.55
C ILE A 321 12.23 5.24 -5.69
N ASP A 322 12.95 6.20 -5.14
CA ASP A 322 14.38 6.14 -5.05
C ASP A 322 14.85 6.45 -3.63
N VAL A 323 15.84 5.72 -3.14
CA VAL A 323 16.37 5.95 -1.81
C VAL A 323 17.88 6.05 -1.84
N SER A 324 18.39 6.75 -0.86
CA SER A 324 19.80 6.97 -0.80
C SER A 324 20.33 6.44 0.57
N MET A 325 21.55 5.93 0.54
CA MET A 325 22.20 5.37 1.72
C MET A 325 23.70 5.50 1.63
N VAL A 326 24.34 5.58 2.78
CA VAL A 326 25.77 5.53 2.89
C VAL A 326 26.05 4.18 3.54
N ALA A 327 26.71 3.28 2.79
CA ALA A 327 26.93 1.91 3.24
C ALA A 327 27.81 1.94 4.45
N GLN A 328 27.39 1.27 5.51
CA GLN A 328 28.20 1.14 6.71
C GLN A 328 28.25 -0.34 7.10
N ASN A 329 29.09 -0.61 8.08
CA ASN A 329 29.10 -1.87 8.80
C ASN A 329 29.52 -3.02 7.88
N PRO A 330 30.82 -3.09 7.57
CA PRO A 330 31.37 -4.13 6.73
C PRO A 330 30.90 -5.58 7.03
N GLY A 331 30.33 -6.21 6.01
CA GLY A 331 29.74 -7.52 6.15
C GLY A 331 28.75 -7.87 5.04
N VAL A 332 28.17 -9.05 5.17
CA VAL A 332 27.10 -9.54 4.29
C VAL A 332 25.76 -9.34 4.95
N TRP A 333 24.88 -8.62 4.25
CA TRP A 333 23.60 -8.21 4.80
C TRP A 333 22.47 -8.68 3.93
N MET A 334 21.36 -8.95 4.59
CA MET A 334 20.12 -9.44 3.95
C MET A 334 19.26 -8.28 3.41
N LEU A 335 18.66 -8.50 2.24
CA LEU A 335 17.68 -7.62 1.62
C LEU A 335 16.48 -8.52 1.48
N SER A 336 15.43 -8.23 2.22
CA SER A 336 14.28 -9.10 2.23
C SER A 336 12.99 -8.30 2.14
N CYS A 337 11.93 -8.97 1.72
CA CYS A 337 10.58 -8.42 1.84
C CYS A 337 10.05 -8.93 3.18
N GLN A 338 9.52 -8.03 4.00
CA GLN A 338 8.96 -8.38 5.31
C GLN A 338 7.49 -8.71 5.28
N ASN A 339 6.87 -8.70 4.09
CA ASN A 339 5.61 -9.40 3.90
C ASN A 339 5.92 -10.86 4.21
N LEU A 340 5.37 -11.33 5.34
CA LEU A 340 5.71 -12.65 5.87
C LEU A 340 5.40 -13.80 4.89
N ASN A 341 4.34 -13.66 4.08
CA ASN A 341 4.11 -14.63 3.01
C ASN A 341 5.16 -14.60 1.93
N HIS A 342 5.68 -13.42 1.61
CA HIS A 342 6.69 -13.28 0.58
C HIS A 342 8.05 -13.77 1.02
N LEU A 343 8.39 -13.47 2.27
CA LEU A 343 9.66 -13.86 2.86
C LEU A 343 9.85 -15.36 2.82
N LYS A 344 8.87 -16.10 3.30
CA LYS A 344 8.95 -17.56 3.24
C LYS A 344 8.77 -18.20 1.83
N ALA A 345 8.34 -17.44 0.84
CA ALA A 345 8.35 -17.90 -0.55
C ALA A 345 9.63 -17.51 -1.29
N GLY A 346 10.67 -17.12 -0.55
CA GLY A 346 11.98 -16.87 -1.13
C GLY A 346 12.38 -15.45 -1.49
N LEU A 347 11.54 -14.45 -1.22
CA LEU A 347 11.86 -13.07 -1.62
C LEU A 347 12.90 -12.42 -0.68
N GLN A 348 14.15 -12.70 -1.00
CA GLN A 348 15.32 -12.44 -0.18
C GLN A 348 16.54 -12.44 -1.11
N ALA A 349 17.49 -11.56 -0.81
CA ALA A 349 18.73 -11.42 -1.52
C ALA A 349 19.80 -10.94 -0.54
N PHE A 350 21.07 -11.04 -0.93
CA PHE A 350 22.17 -10.60 -0.10
C PHE A 350 22.86 -9.46 -0.80
N PHE A 351 23.47 -8.57 -0.03
CA PHE A 351 24.41 -7.62 -0.57
C PHE A 351 25.65 -7.53 0.32
N GLN A 352 26.72 -7.00 -0.23
CA GLN A 352 28.01 -7.08 0.46
C GLN A 352 28.60 -5.71 0.60
N VAL A 353 29.00 -5.37 1.83
CA VAL A 353 29.63 -4.10 2.10
C VAL A 353 31.06 -4.46 2.45
N ARG A 354 32.01 -4.09 1.59
CA ARG A 354 33.42 -4.41 1.79
C ARG A 354 34.12 -3.30 2.58
N ASP A 355 35.17 -3.63 3.31
CA ASP A 355 36.03 -2.64 4.00
C ASP A 355 37.08 -2.22 2.97
N CYS A 356 36.85 -1.10 2.29
CA CYS A 356 37.82 -0.56 1.32
C CYS A 356 38.73 0.50 1.96
N ASN A 357 38.88 0.50 3.30
CA ASN A 357 39.67 1.50 4.04
C ASN A 357 39.36 2.99 3.70
N LYS A 358 38.12 3.27 3.33
CA LYS A 358 37.70 4.64 3.06
C LYS A 358 37.44 5.27 4.41
N PRO A 359 37.73 6.58 4.54
CA PRO A 359 37.71 7.24 5.86
C PRO A 359 36.32 7.37 6.50
N SER A 360 36.15 6.80 7.71
CA SER A 360 34.97 7.06 8.57
C SER A 360 34.93 8.56 8.91
N PRO A 361 33.82 9.27 8.60
CA PRO A 361 33.70 10.58 9.25
C PRO A 361 33.47 10.29 10.74
N ASP A 362 34.56 10.28 11.51
CA ASP A 362 34.55 9.75 12.85
C ASP A 362 33.97 10.82 13.79
N ASP A 363 32.76 10.54 14.29
CA ASP A 363 31.96 11.49 15.08
C ASP A 363 32.07 11.00 16.53
N ASP A 364 32.01 11.81 17.60
CA ASP A 364 31.71 13.27 17.72
C ASP A 364 30.86 13.48 18.99
N ILE A 365 29.94 12.55 19.31
CA ILE A 365 28.84 12.80 20.28
C ILE A 365 29.23 12.78 21.78
N GLN A 366 28.76 13.81 22.48
CA GLN A 366 28.98 14.06 23.92
C GLN A 366 27.77 13.59 24.76
N ASP A 367 28.02 13.30 26.04
CA ASP A 367 26.98 12.84 27.02
C ASP A 367 26.09 11.74 26.41
N ARG A 368 26.72 10.64 26.00
CA ARG A 368 26.03 9.43 25.53
C ARG A 368 25.46 8.70 26.74
N HIS A 369 24.21 8.24 26.64
CA HIS A 369 23.54 7.52 27.73
C HIS A 369 23.41 6.06 27.36
N VAL A 370 23.39 5.21 28.37
CA VAL A 370 23.04 3.80 28.21
C VAL A 370 21.59 3.63 28.62
N ARG A 371 20.75 3.14 27.71
CA ARG A 371 19.37 2.75 28.02
C ARG A 371 19.37 1.25 28.14
N HIS A 372 19.22 0.75 29.38
CA HIS A 372 19.21 -0.68 29.67
C HIS A 372 17.80 -1.16 30.01
N TYR A 373 17.36 -2.20 29.30
CA TYR A 373 16.03 -2.78 29.45
C TYR A 373 16.16 -4.25 29.86
N TYR A 374 15.24 -4.72 30.71
CA TYR A 374 15.16 -6.12 31.12
C TYR A 374 13.85 -6.63 30.62
N ILE A 375 13.88 -7.55 29.67
CA ILE A 375 12.71 -7.98 28.94
C ILE A 375 12.67 -9.48 28.87
N ALA A 376 11.54 -10.06 29.24
CA ALA A 376 11.34 -11.49 29.10
C ALA A 376 10.27 -11.80 28.05
N ALA A 377 10.48 -12.91 27.35
CA ALA A 377 9.41 -13.56 26.63
C ALA A 377 8.72 -14.51 27.60
N GLU A 378 7.40 -14.44 27.69
CA GLU A 378 6.59 -15.27 28.61
C GLU A 378 5.16 -15.48 28.13
N GLU A 379 4.53 -16.51 28.69
CA GLU A 379 3.21 -16.99 28.33
C GLU A 379 2.11 -16.21 29.01
N THR A 380 1.07 -15.77 28.29
CA THR A 380 -0.23 -15.37 28.88
C THR A 380 -1.34 -16.05 28.12
N ILE A 381 -2.51 -16.03 28.74
CA ILE A 381 -3.72 -16.23 28.02
C ILE A 381 -4.17 -14.82 27.66
N TRP A 382 -4.12 -14.54 26.37
CA TRP A 382 -4.53 -13.25 25.87
C TRP A 382 -5.96 -13.30 25.39
N ASP A 383 -6.79 -12.49 25.99
CA ASP A 383 -8.15 -12.33 25.61
C ASP A 383 -8.20 -11.10 24.69
N TYR A 384 -8.61 -11.31 23.45
CA TYR A 384 -8.70 -10.24 22.46
C TYR A 384 -9.87 -9.25 22.68
N ALA A 385 -10.83 -9.62 23.52
CA ALA A 385 -11.91 -8.70 23.87
C ALA A 385 -12.52 -9.01 25.26
N PRO A 386 -11.81 -8.63 26.33
CA PRO A 386 -12.21 -8.98 27.69
C PRO A 386 -13.66 -8.76 28.07
N SER A 387 -14.31 -7.73 27.55
CA SER A 387 -15.74 -7.47 27.87
C SER A 387 -16.74 -8.47 27.27
N GLY A 388 -16.32 -9.27 26.29
CA GLY A 388 -17.23 -10.17 25.57
C GLY A 388 -18.26 -9.48 24.68
N THR A 389 -18.11 -8.16 24.53
CA THR A 389 -18.96 -7.40 23.66
C THR A 389 -18.16 -6.59 22.66
N ASP A 390 -18.84 -6.24 21.59
CA ASP A 390 -18.53 -5.10 20.77
C ASP A 390 -19.03 -3.87 21.50
N THR A 391 -18.08 -3.14 22.05
CA THR A 391 -18.28 -1.89 22.76
C THR A 391 -18.94 -0.79 21.93
N PHE A 392 -18.93 -0.88 20.61
CA PHE A 392 -19.58 0.14 19.78
C PHE A 392 -21.09 -0.03 19.82
N THR A 393 -21.56 -1.29 19.81
CA THR A 393 -22.98 -1.62 19.72
C THR A 393 -23.60 -2.23 20.98
N GLY A 394 -22.79 -2.58 21.98
CA GLY A 394 -23.27 -3.30 23.17
C GLY A 394 -23.55 -4.78 22.96
N GLU A 395 -23.39 -5.29 21.74
CA GLU A 395 -23.75 -6.68 21.40
C GLU A 395 -22.72 -7.70 21.88
N ASN A 396 -23.26 -8.83 22.29
CA ASN A 396 -22.55 -10.03 22.63
C ASN A 396 -21.79 -10.51 21.39
N LEU A 397 -20.49 -10.78 21.56
CA LEU A 397 -19.63 -11.17 20.45
C LEU A 397 -19.97 -12.50 19.82
N THR A 398 -20.63 -13.38 20.56
CA THR A 398 -20.99 -14.70 20.05
C THR A 398 -22.46 -14.75 19.63
N SER A 399 -23.08 -13.59 19.38
CA SER A 399 -24.51 -13.59 19.14
C SER A 399 -24.77 -14.07 17.72
N LEU A 400 -25.85 -14.84 17.55
CA LEU A 400 -26.12 -15.53 16.29
C LEU A 400 -26.17 -14.62 15.09
N GLY A 401 -25.62 -15.10 13.96
CA GLY A 401 -25.59 -14.33 12.75
C GLY A 401 -24.71 -13.07 12.75
N SER A 402 -23.98 -12.77 13.84
CA SER A 402 -23.13 -11.56 13.87
C SER A 402 -21.80 -11.88 13.19
N ASP A 403 -21.14 -10.85 12.69
CA ASP A 403 -19.79 -11.02 12.10
C ASP A 403 -18.77 -11.41 13.20
N SER A 404 -18.98 -10.89 14.42
CA SER A 404 -18.04 -11.15 15.50
C SER A 404 -17.97 -12.63 15.85
N ARG A 405 -19.13 -13.29 15.83
CA ARG A 405 -19.21 -14.70 16.17
C ARG A 405 -18.25 -15.56 15.41
N VAL A 406 -17.94 -15.23 14.17
CA VAL A 406 -16.98 -16.06 13.44
C VAL A 406 -15.69 -16.23 14.24
N PHE A 407 -15.25 -15.17 14.91
CA PHE A 407 -13.95 -15.15 15.58
C PHE A 407 -13.99 -15.51 17.06
N PHE A 408 -15.14 -15.30 17.69
CA PHE A 408 -15.31 -15.55 19.13
C PHE A 408 -16.07 -16.84 19.53
N GLU A 409 -16.85 -17.39 18.59
CA GLU A 409 -17.49 -18.71 18.76
C GLU A 409 -16.47 -19.70 19.35
N GLN A 410 -16.86 -20.38 20.41
CA GLN A 410 -16.04 -21.45 21.00
C GLN A 410 -16.90 -22.72 21.14
N GLY A 411 -16.35 -23.85 20.71
CA GLY A 411 -17.04 -25.11 20.88
C GLY A 411 -16.16 -26.24 20.42
N ALA A 412 -16.68 -27.09 19.53
CA ALA A 412 -16.04 -28.36 19.15
C ALA A 412 -14.72 -28.24 18.36
N THR A 413 -14.72 -27.44 17.30
CA THR A 413 -13.51 -27.24 16.50
C THR A 413 -13.20 -25.74 16.41
N ARG A 414 -13.51 -25.03 17.47
CA ARG A 414 -13.38 -23.60 17.46
C ARG A 414 -12.80 -23.11 18.81
N ILE A 415 -11.67 -22.41 18.73
CA ILE A 415 -10.92 -21.98 19.91
C ILE A 415 -11.59 -20.84 20.67
N GLY A 416 -12.10 -19.84 19.95
CA GLY A 416 -12.75 -18.66 20.54
C GLY A 416 -11.88 -17.40 20.59
N GLY A 417 -12.09 -16.60 21.63
CA GLY A 417 -11.50 -15.30 21.81
C GLY A 417 -10.21 -15.20 22.62
N SER A 418 -9.81 -16.28 23.28
CA SER A 418 -8.60 -16.28 24.11
C SER A 418 -7.58 -17.29 23.64
N TYR A 419 -6.33 -16.89 23.53
CA TYR A 419 -5.27 -17.74 23.01
C TYR A 419 -4.07 -17.63 23.94
N LYS A 420 -3.45 -18.77 24.22
CA LYS A 420 -2.12 -18.83 24.78
C LYS A 420 -1.18 -18.11 23.81
N LYS A 421 -0.51 -17.07 24.31
CA LYS A 421 0.44 -16.29 23.50
C LYS A 421 1.75 -16.17 24.23
N LEU A 422 2.76 -15.72 23.49
CA LEU A 422 4.08 -15.43 24.02
C LEU A 422 4.34 -13.94 23.83
N VAL A 423 4.73 -13.28 24.88
CA VAL A 423 4.64 -11.87 24.95
C VAL A 423 5.92 -11.27 25.59
N TYR A 424 6.39 -10.13 25.09
CA TYR A 424 7.52 -9.42 25.73
C TYR A 424 7.05 -8.58 26.94
N ARG A 425 7.76 -8.68 28.06
CA ARG A 425 7.34 -8.04 29.32
C ARG A 425 8.54 -7.52 30.06
N GLU A 426 8.42 -6.30 30.59
CA GLU A 426 9.58 -5.58 31.15
C GLU A 426 9.67 -5.86 32.65
N TYR A 427 10.92 -6.01 33.10
CA TYR A 427 11.27 -6.26 34.50
C TYR A 427 12.21 -5.18 34.96
N THR A 428 12.47 -5.15 36.25
CA THR A 428 13.32 -4.12 36.88
C THR A 428 14.77 -4.49 36.81
N ASP A 429 15.07 -5.78 36.73
CA ASP A 429 16.46 -6.27 36.81
C ASP A 429 16.66 -7.66 36.16
N ASP A 430 17.91 -8.05 36.17
CA ASP A 430 18.45 -9.27 35.66
C ASP A 430 17.89 -10.59 36.34
N SER A 431 17.20 -10.48 37.48
CA SER A 431 16.55 -11.61 38.15
C SER A 431 15.13 -11.85 37.66
N PHE A 432 14.56 -10.88 36.95
CA PHE A 432 13.26 -11.06 36.31
C PHE A 432 12.20 -11.43 37.34
N THR A 433 12.19 -10.62 38.39
CA THR A 433 11.39 -10.88 39.57
C THR A 433 10.24 -9.89 39.76
N ASN A 434 10.55 -8.60 39.60
CA ASN A 434 9.58 -7.55 39.72
C ASN A 434 9.44 -6.91 38.36
N ARG A 435 8.19 -6.90 37.88
CA ARG A 435 7.80 -6.17 36.70
C ARG A 435 8.03 -4.69 36.93
N LYS A 436 8.54 -4.00 35.91
CA LYS A 436 8.37 -2.55 35.84
C LYS A 436 6.87 -2.37 35.52
N GLN A 437 6.09 -1.98 36.52
CA GLN A 437 4.65 -1.99 36.31
C GLN A 437 4.21 -0.88 35.34
N ARG A 438 3.20 -1.25 34.57
CA ARG A 438 2.76 -0.50 33.42
C ARG A 438 1.85 0.62 33.91
N GLY A 439 2.27 1.88 33.69
CA GLY A 439 1.50 3.07 34.10
C GLY A 439 0.14 3.25 33.43
N PRO A 440 -0.53 4.37 33.73
CA PRO A 440 -1.80 4.66 33.04
C PRO A 440 -1.59 5.10 31.58
N ASP A 441 -0.53 5.87 31.35
CA ASP A 441 0.05 6.15 30.02
C ASP A 441 0.30 4.91 29.10
N GLU A 442 0.56 3.75 29.68
CA GLU A 442 0.97 2.55 28.95
C GLU A 442 -0.11 1.46 28.98
N GLU A 443 -1.27 1.71 29.56
CA GLU A 443 -2.34 0.71 29.55
C GLU A 443 -2.77 0.35 28.11
N HIS A 444 -2.79 1.34 27.20
CA HIS A 444 -3.20 1.12 25.81
C HIS A 444 -2.30 0.18 25.04
N LEU A 445 -1.10 -0.03 25.54
CA LEU A 445 -0.10 -0.90 24.89
C LEU A 445 -0.62 -2.31 24.63
N GLY A 446 -1.40 -2.83 25.57
CA GLY A 446 -2.04 -4.11 25.42
C GLY A 446 -1.04 -5.21 25.24
N ILE A 447 -1.12 -5.90 24.10
CA ILE A 447 -0.28 -7.04 23.87
C ILE A 447 1.21 -6.70 23.64
N LEU A 448 1.48 -5.48 23.17
CA LEU A 448 2.83 -5.05 22.81
C LEU A 448 3.82 -5.19 23.94
N GLY A 449 5.06 -5.47 23.63
CA GLY A 449 6.11 -5.42 24.66
C GLY A 449 6.39 -3.99 25.05
N PRO A 450 7.29 -3.80 26.01
CA PRO A 450 7.53 -2.43 26.45
C PRO A 450 8.15 -1.57 25.35
N VAL A 451 7.96 -0.27 25.43
CA VAL A 451 8.60 0.65 24.51
C VAL A 451 10.11 0.68 24.75
N ILE A 452 10.91 0.39 23.73
CA ILE A 452 12.37 0.59 23.80
C ILE A 452 12.66 1.97 23.16
N TRP A 453 13.17 2.91 23.94
CA TRP A 453 13.40 4.27 23.46
C TRP A 453 14.83 4.70 23.62
N ALA A 454 15.25 5.61 22.78
CA ALA A 454 16.58 6.12 22.86
C ALA A 454 16.72 7.38 22.08
N GLU A 455 17.75 8.14 22.43
CA GLU A 455 18.14 9.30 21.64
C GLU A 455 19.27 8.95 20.71
N VAL A 456 19.40 9.72 19.64
CA VAL A 456 20.54 9.66 18.76
C VAL A 456 21.82 9.80 19.62
N GLY A 457 22.73 8.86 19.43
CA GLY A 457 24.01 8.82 20.14
C GLY A 457 24.04 7.79 21.24
N ASP A 458 22.88 7.33 21.71
CA ASP A 458 22.83 6.44 22.84
C ASP A 458 23.28 5.03 22.49
N ILE A 459 23.47 4.25 23.55
CA ILE A 459 23.70 2.82 23.47
C ILE A 459 22.49 2.19 24.12
N ILE A 460 21.98 1.14 23.51
CA ILE A 460 20.81 0.47 24.05
C ILE A 460 21.31 -0.88 24.43
N ARG A 461 21.03 -1.29 25.66
CA ARG A 461 21.22 -2.67 26.03
C ARG A 461 19.90 -3.30 26.46
N VAL A 462 19.73 -4.55 26.04
CA VAL A 462 18.54 -5.29 26.34
C VAL A 462 18.94 -6.66 26.86
N THR A 463 18.65 -6.93 28.13
CA THR A 463 18.86 -8.24 28.69
C THR A 463 17.57 -9.01 28.51
N PHE A 464 17.64 -10.03 27.67
CA PHE A 464 16.48 -10.79 27.25
C PHE A 464 16.53 -12.21 27.82
N HIS A 465 15.46 -12.58 28.49
CA HIS A 465 15.37 -13.88 29.19
C HIS A 465 14.14 -14.56 28.64
N ASN A 466 14.32 -15.79 28.22
CA ASN A 466 13.28 -16.50 27.55
C ASN A 466 12.60 -17.41 28.57
N LYS A 467 11.33 -17.17 28.90
CA LYS A 467 10.54 -18.07 29.79
C LYS A 467 9.52 -18.94 29.04
N GLY A 468 9.65 -19.03 27.72
CA GLY A 468 8.78 -19.87 26.92
C GLY A 468 9.44 -21.19 26.59
N GLN A 469 8.74 -22.04 25.84
CA GLN A 469 9.22 -23.36 25.44
C GLN A 469 9.85 -23.43 24.03
N PHE A 470 9.90 -22.30 23.31
CA PHE A 470 10.47 -22.24 21.98
C PHE A 470 11.62 -21.26 21.98
N PRO A 471 12.65 -21.54 21.16
CA PRO A 471 13.72 -20.57 21.01
C PRO A 471 13.17 -19.27 20.42
N LEU A 472 13.70 -18.15 20.90
CA LEU A 472 13.30 -16.83 20.50
C LEU A 472 14.50 -15.86 20.44
N SER A 473 14.24 -14.66 19.96
CA SER A 473 15.23 -13.61 19.98
C SER A 473 14.62 -12.24 20.04
N ILE A 474 15.47 -11.22 20.02
CA ILE A 474 15.03 -9.85 19.78
C ILE A 474 15.75 -9.26 18.60
N GLN A 475 14.97 -8.85 17.60
CA GLN A 475 15.51 -8.24 16.40
C GLN A 475 14.90 -6.85 16.30
N PRO A 476 15.73 -5.82 16.44
CA PRO A 476 15.24 -4.45 16.19
C PRO A 476 15.18 -4.11 14.71
N MET A 477 14.27 -3.25 14.35
CA MET A 477 14.32 -2.61 13.04
C MET A 477 14.75 -1.17 13.25
N GLY A 478 15.91 -0.78 12.73
CA GLY A 478 16.28 0.62 12.70
C GLY A 478 17.26 1.12 13.77
N VAL A 479 18.08 0.23 14.30
CA VAL A 479 19.24 0.62 15.11
C VAL A 479 20.39 -0.22 14.62
N ARG A 480 21.58 0.13 15.08
CA ARG A 480 22.84 -0.46 14.60
C ARG A 480 23.29 -1.54 15.57
N PHE A 481 23.53 -2.71 15.01
CA PHE A 481 24.06 -3.88 15.73
C PHE A 481 25.25 -4.42 14.98
N THR A 482 26.26 -4.88 15.73
CA THR A 482 27.27 -5.73 15.15
C THR A 482 26.65 -7.09 14.86
N LYS A 483 27.34 -7.84 13.99
CA LYS A 483 26.89 -9.18 13.59
C LYS A 483 26.66 -10.13 14.81
N GLU A 484 27.48 -9.94 15.86
CA GLU A 484 27.40 -10.73 17.09
C GLU A 484 26.15 -10.44 17.92
N ASN A 485 25.50 -9.30 17.63
CA ASN A 485 24.26 -8.89 18.21
C ASN A 485 23.02 -9.06 17.32
N GLU A 486 23.16 -9.45 16.05
CA GLU A 486 22.01 -9.58 15.14
C GLU A 486 21.03 -10.67 15.60
N GLY A 487 19.74 -10.34 15.54
CA GLY A 487 18.71 -11.25 16.03
C GLY A 487 18.15 -12.28 15.08
N THR A 488 18.62 -12.29 13.85
CA THR A 488 18.08 -13.14 12.83
C THR A 488 19.23 -13.84 12.15
N TYR A 489 19.07 -15.14 11.90
CA TYR A 489 20.15 -15.88 11.32
C TYR A 489 19.99 -16.05 9.82
N TYR A 490 21.10 -15.84 9.13
CA TYR A 490 21.22 -16.13 7.72
C TYR A 490 22.70 -16.15 7.34
N GLY A 491 23.00 -16.69 6.17
CA GLY A 491 24.35 -16.68 5.63
C GLY A 491 24.53 -17.38 4.28
N PRO A 492 25.78 -17.63 3.87
CA PRO A 492 26.97 -17.34 4.68
C PRO A 492 27.25 -15.83 4.85
N ASP A 493 27.48 -15.43 6.10
CA ASP A 493 27.89 -14.08 6.47
C ASP A 493 28.98 -14.04 7.58
N GLY A 494 29.71 -15.14 7.77
CA GLY A 494 30.86 -15.17 8.66
C GLY A 494 30.58 -15.30 10.14
N ARG A 495 29.32 -15.59 10.50
CA ARG A 495 28.92 -15.80 11.89
C ARG A 495 29.09 -17.29 12.26
N SER A 496 29.71 -17.56 13.42
CA SER A 496 29.73 -18.91 14.06
C SER A 496 28.62 -18.98 15.10
N SER A 497 28.71 -18.10 16.10
CA SER A 497 27.81 -18.10 17.26
C SER A 497 26.33 -17.83 16.87
N LYS A 498 25.44 -18.72 17.33
CA LYS A 498 23.99 -18.58 17.20
C LYS A 498 23.32 -17.92 18.41
N GLN A 499 24.11 -17.48 19.38
CA GLN A 499 23.63 -17.06 20.69
C GLN A 499 22.59 -15.93 20.61
N ALA A 500 22.89 -14.94 19.78
CA ALA A 500 22.04 -13.75 19.63
C ALA A 500 20.76 -14.02 18.85
N SER A 501 20.85 -14.94 17.89
CA SER A 501 19.76 -15.27 16.97
C SER A 501 18.95 -16.49 17.39
N HIS A 502 19.33 -17.09 18.51
CA HIS A 502 18.70 -18.31 19.03
C HIS A 502 18.98 -18.31 20.55
N VAL A 503 18.07 -17.71 21.31
CA VAL A 503 18.07 -17.75 22.76
C VAL A 503 17.07 -18.83 23.14
N ALA A 504 17.62 -19.95 23.62
CA ALA A 504 16.87 -21.18 23.97
C ALA A 504 16.01 -20.95 25.18
N PRO A 505 15.00 -21.83 25.41
CA PRO A 505 14.04 -21.79 26.51
C PRO A 505 14.38 -21.42 27.96
N LYS A 506 15.60 -21.44 28.44
CA LYS A 506 15.81 -20.81 29.78
C LYS A 506 17.02 -19.84 29.82
N GLU A 507 17.59 -19.54 28.66
CA GLU A 507 18.79 -18.77 28.60
C GLU A 507 18.46 -17.27 28.65
N THR A 508 19.53 -16.51 28.74
CA THR A 508 19.49 -15.09 28.82
C THR A 508 20.57 -14.57 27.88
N PHE A 509 20.27 -13.53 27.13
CA PHE A 509 21.28 -12.87 26.31
C PHE A 509 21.13 -11.37 26.44
N THR A 510 22.27 -10.69 26.60
CA THR A 510 22.36 -9.22 26.59
C THR A 510 22.83 -8.63 25.23
N TYR A 511 21.83 -8.14 24.48
CA TYR A 511 22.01 -7.39 23.26
C TYR A 511 22.60 -6.04 23.56
N GLU A 512 23.49 -5.57 22.69
CA GLU A 512 23.89 -4.18 22.65
C GLU A 512 23.68 -3.65 21.23
N TRP A 513 22.86 -2.63 21.09
CA TRP A 513 22.71 -1.91 19.85
C TRP A 513 23.15 -0.45 20.09
N THR A 514 23.42 0.29 19.01
CA THR A 514 23.77 1.73 19.12
C THR A 514 22.83 2.54 18.21
N VAL A 515 22.82 3.86 18.38
CA VAL A 515 21.89 4.72 17.62
C VAL A 515 22.69 5.87 16.99
N PRO A 516 23.37 5.58 15.87
CA PRO A 516 24.12 6.64 15.20
C PRO A 516 23.19 7.56 14.45
N LYS A 517 23.65 8.76 14.15
CA LYS A 517 22.78 9.79 13.65
C LYS A 517 22.06 9.44 12.36
N GLU A 518 22.66 8.60 11.55
CA GLU A 518 22.06 8.21 10.25
C GLU A 518 20.80 7.37 10.48
N MET A 519 20.72 6.75 11.65
CA MET A 519 19.57 5.96 12.03
C MET A 519 18.50 6.77 12.73
N GLY A 520 18.81 8.02 13.06
CA GLY A 520 17.85 8.91 13.71
C GLY A 520 17.08 9.78 12.74
N PRO A 521 16.17 10.61 13.27
CA PRO A 521 15.43 11.56 12.44
C PRO A 521 16.33 12.47 11.68
N THR A 522 15.96 12.79 10.46
CA THR A 522 16.67 13.83 9.68
C THR A 522 16.20 15.21 10.17
N TYR A 523 16.80 16.26 9.63
CA TYR A 523 16.34 17.65 9.80
C TYR A 523 14.85 17.86 9.59
N ALA A 524 14.33 17.25 8.54
CA ALA A 524 12.97 17.48 8.11
C ALA A 524 11.97 16.59 8.85
N ASP A 525 12.46 15.50 9.46
CA ASP A 525 11.65 14.51 10.21
C ASP A 525 11.05 15.08 11.50
N PRO A 526 10.04 14.40 12.06
CA PRO A 526 9.64 14.75 13.44
C PRO A 526 10.71 14.43 14.49
N VAL A 527 10.43 14.86 15.71
CA VAL A 527 11.39 14.73 16.79
C VAL A 527 11.70 13.26 17.10
N CYS A 528 10.68 12.40 17.04
CA CYS A 528 10.82 11.00 17.31
C CYS A 528 10.25 10.15 16.20
N LEU A 529 10.99 9.08 15.87
CA LEU A 529 10.50 8.09 14.89
C LEU A 529 9.97 6.86 15.57
N SER A 530 8.94 6.28 14.99
CA SER A 530 8.34 5.03 15.43
C SER A 530 9.10 3.91 14.76
N LYS A 531 9.57 2.96 15.54
CA LYS A 531 10.08 1.74 14.94
C LYS A 531 9.57 0.60 15.75
N MET A 532 10.21 -0.56 15.64
CA MET A 532 9.71 -1.75 16.32
C MET A 532 10.80 -2.76 16.53
N TYR A 533 10.47 -3.78 17.32
CA TYR A 533 11.31 -4.93 17.52
C TYR A 533 10.41 -6.15 17.61
N TYR A 534 10.99 -7.32 17.36
CA TYR A 534 10.25 -8.58 17.28
C TYR A 534 11.21 -9.74 17.35
N SER A 535 10.69 -10.93 17.52
CA SER A 535 11.53 -12.10 17.55
C SER A 535 11.84 -12.53 16.13
N GLY A 536 13.13 -12.73 15.87
CA GLY A 536 13.66 -13.11 14.58
C GLY A 536 14.17 -14.54 14.42
N VAL A 537 13.86 -15.43 15.36
CA VAL A 537 14.19 -16.84 15.17
C VAL A 537 13.38 -17.42 14.02
N ASP A 538 12.08 -17.19 14.02
CA ASP A 538 11.21 -17.45 12.85
C ASP A 538 10.17 -16.32 12.73
N LEU A 539 10.55 -15.30 12.00
CA LEU A 539 9.76 -14.09 11.86
C LEU A 539 8.30 -14.34 11.48
N THR A 540 8.11 -15.32 10.60
CA THR A 540 6.79 -15.57 10.02
C THR A 540 5.80 -16.21 11.02
N LYS A 541 6.32 -16.72 12.13
CA LYS A 541 5.50 -17.23 13.24
C LYS A 541 5.56 -16.43 14.54
N ASP A 542 6.75 -15.90 14.85
CA ASP A 542 7.02 -15.28 16.16
C ASP A 542 6.18 -14.05 16.47
N ILE A 543 6.03 -13.18 15.49
CA ILE A 543 5.26 -11.99 15.69
C ILE A 543 3.80 -12.37 15.96
N PHE A 544 3.27 -13.25 15.12
CA PHE A 544 1.89 -13.70 15.30
C PHE A 544 1.72 -14.46 16.60
N THR A 545 2.82 -15.05 17.12
CA THR A 545 2.80 -15.64 18.46
C THR A 545 2.63 -14.56 19.58
N GLY A 546 3.05 -13.32 19.27
CA GLY A 546 2.88 -12.17 20.16
C GLY A 546 4.16 -11.41 20.44
N LEU A 547 5.25 -11.80 19.79
CA LEU A 547 6.52 -11.20 20.12
C LEU A 547 6.79 -10.01 19.24
N ILE A 548 6.23 -8.88 19.68
CA ILE A 548 6.31 -7.65 18.96
C ILE A 548 6.23 -6.50 19.96
N GLY A 549 7.02 -5.46 19.72
CA GLY A 549 6.88 -4.23 20.49
C GLY A 549 7.37 -2.97 19.80
N PRO A 550 7.03 -1.78 20.35
CA PRO A 550 7.45 -0.53 19.75
C PRO A 550 8.83 -0.08 20.15
N MET A 551 9.48 0.63 19.23
CA MET A 551 10.73 1.29 19.50
C MET A 551 10.51 2.76 19.07
N LYS A 552 11.08 3.66 19.85
CA LYS A 552 11.03 5.08 19.61
C LYS A 552 12.44 5.66 19.62
N ILE A 553 12.86 6.26 18.51
CA ILE A 553 14.21 6.73 18.36
C ILE A 553 14.13 8.22 18.12
N CYS A 554 14.84 9.02 18.92
CA CYS A 554 14.59 10.46 18.96
C CYS A 554 15.84 11.32 18.82
N LYS A 555 15.62 12.57 18.41
CA LYS A 555 16.68 13.54 18.34
C LYS A 555 17.30 13.68 19.69
N LYS A 556 18.60 13.83 19.65
CA LYS A 556 19.38 14.17 20.80
C LYS A 556 18.82 15.40 21.53
N GLY A 557 18.73 15.30 22.86
CA GLY A 557 18.23 16.39 23.72
C GLY A 557 16.72 16.52 23.85
N SER A 558 15.98 15.63 23.18
CA SER A 558 14.52 15.80 23.08
C SER A 558 13.69 15.08 24.18
N LEU A 559 14.27 14.12 24.88
CA LEU A 559 13.51 13.32 25.86
C LEU A 559 13.75 13.77 27.33
N LEU A 560 12.75 13.54 28.17
CA LEU A 560 12.87 13.69 29.62
C LEU A 560 13.41 12.36 30.11
N ALA A 561 13.76 12.32 31.39
CA ALA A 561 14.47 11.18 32.01
C ALA A 561 13.70 9.85 31.88
N ASP A 562 12.37 9.94 31.90
CA ASP A 562 11.51 8.78 31.76
C ASP A 562 11.18 8.39 30.30
N GLY A 563 11.73 9.12 29.34
CA GLY A 563 11.57 8.78 27.90
C GLY A 563 10.49 9.52 27.14
N ARG A 564 9.64 10.27 27.85
CA ARG A 564 8.59 11.08 27.23
C ARG A 564 9.24 12.21 26.47
N GLN A 565 8.62 12.56 25.36
CA GLN A 565 9.16 13.62 24.56
C GLN A 565 8.81 14.99 25.19
N LYS A 566 9.75 15.93 25.09
CA LYS A 566 9.66 17.21 25.79
C LYS A 566 8.38 17.98 25.53
N ASP A 567 8.04 18.41 24.34
CA ASP A 567 6.93 19.40 24.39
C ASP A 567 5.56 18.75 24.09
N VAL A 568 5.38 17.55 24.65
CA VAL A 568 4.30 16.64 24.25
C VAL A 568 3.59 16.10 25.46
N ASP A 569 2.27 16.18 25.48
CA ASP A 569 1.51 15.81 26.64
C ASP A 569 1.36 14.29 26.72
N LYS A 570 1.08 13.63 25.61
CA LYS A 570 0.90 12.19 25.58
C LYS A 570 1.37 11.57 24.27
N GLU A 571 1.89 10.34 24.45
CA GLU A 571 2.42 9.53 23.42
C GLU A 571 1.69 8.20 23.42
N PHE A 572 1.12 7.80 22.28
CA PHE A 572 0.39 6.53 22.12
C PHE A 572 0.95 5.75 20.94
N TYR A 573 0.91 4.43 21.05
CA TYR A 573 1.50 3.45 20.15
C TYR A 573 0.37 2.55 19.68
N LEU A 574 0.15 2.44 18.37
CA LEU A 574 -0.91 1.58 17.84
C LEU A 574 -0.32 0.67 16.79
N PHE A 575 -0.39 -0.61 17.11
CA PHE A 575 0.01 -1.69 16.25
C PHE A 575 -1.24 -2.33 15.64
N ALA A 576 -1.42 -2.13 14.32
CA ALA A 576 -2.51 -2.79 13.57
C ALA A 576 -2.06 -4.03 12.84
N THR A 577 -2.80 -5.10 13.00
CA THR A 577 -2.48 -6.34 12.29
C THR A 577 -3.65 -7.32 12.37
N VAL A 578 -3.63 -8.24 11.43
CA VAL A 578 -4.49 -9.39 11.45
C VAL A 578 -3.65 -10.48 12.15
N PHE A 579 -3.94 -10.70 13.43
CA PHE A 579 -3.17 -11.68 14.21
C PHE A 579 -3.56 -13.07 13.75
N ASP A 580 -2.64 -13.73 13.07
CA ASP A 580 -2.97 -14.99 12.44
C ASP A 580 -2.58 -16.06 13.43
N GLU A 581 -3.52 -16.46 14.25
CA GLU A 581 -3.29 -17.48 15.24
C GLU A 581 -3.00 -18.87 14.62
N ASN A 582 -3.29 -19.05 13.33
CA ASN A 582 -2.92 -20.27 12.61
C ASN A 582 -1.43 -20.38 12.46
N GLU A 583 -0.77 -19.25 12.39
CA GLU A 583 0.68 -19.17 12.28
C GLU A 583 1.41 -19.17 13.61
N SER A 584 0.70 -19.16 14.73
CA SER A 584 1.35 -19.13 16.05
C SER A 584 2.09 -20.43 16.42
N LEU A 585 3.22 -20.26 17.11
CA LEU A 585 3.98 -21.38 17.67
C LEU A 585 3.11 -22.18 18.62
N LEU A 586 2.13 -21.51 19.22
CA LEU A 586 1.22 -22.11 20.18
C LEU A 586 -0.12 -22.62 19.64
N LEU A 587 -0.27 -22.70 18.31
CA LEU A 587 -1.50 -23.23 17.71
C LEU A 587 -1.86 -24.59 18.27
N ASP A 588 -0.90 -25.47 18.48
CA ASP A 588 -1.20 -26.80 19.01
C ASP A 588 -1.63 -26.74 20.47
N ASP A 589 -0.91 -26.00 21.33
CA ASP A 589 -1.38 -25.84 22.72
C ASP A 589 -2.81 -25.28 22.78
N ASN A 590 -3.13 -24.33 21.90
CA ASN A 590 -4.42 -23.70 21.90
C ASN A 590 -5.53 -24.62 21.40
N ILE A 591 -5.24 -25.43 20.39
CA ILE A 591 -6.20 -26.43 19.92
C ILE A 591 -6.55 -27.36 21.09
N ARG A 592 -5.53 -27.88 21.76
CA ARG A 592 -5.74 -28.72 22.95
C ARG A 592 -6.44 -28.01 24.12
N MET A 593 -6.03 -26.79 24.41
CA MET A 593 -6.54 -26.08 25.59
C MET A 593 -8.02 -25.64 25.42
N PHE A 594 -8.42 -25.27 24.21
CA PHE A 594 -9.65 -24.51 24.01
C PHE A 594 -10.78 -25.16 23.18
N THR A 595 -10.47 -26.11 22.32
CA THR A 595 -11.52 -26.83 21.60
C THR A 595 -11.98 -28.01 22.45
N THR A 596 -13.29 -28.29 22.43
CA THR A 596 -13.81 -29.48 23.10
C THR A 596 -13.60 -30.77 22.26
N ALA A 597 -13.15 -30.66 21.00
CA ALA A 597 -12.90 -31.84 20.17
C ALA A 597 -11.65 -31.69 19.27
N PRO A 598 -10.45 -31.55 19.86
CA PRO A 598 -9.18 -31.33 19.12
C PRO A 598 -8.78 -32.35 18.02
N GLU A 599 -9.30 -33.56 18.12
CA GLU A 599 -9.00 -34.64 17.17
C GLU A 599 -9.63 -34.31 15.84
N ASN A 600 -10.82 -33.72 15.87
CA ASN A 600 -11.54 -33.34 14.64
C ASN A 600 -11.04 -32.05 13.94
N VAL A 601 -10.18 -31.27 14.60
CA VAL A 601 -9.72 -30.02 14.01
C VAL A 601 -8.87 -30.35 12.80
N ASP A 602 -9.25 -29.79 11.66
CA ASP A 602 -8.40 -29.81 10.48
C ASP A 602 -7.86 -28.38 10.33
N LYS A 603 -6.56 -28.22 10.59
CA LYS A 603 -5.89 -26.91 10.49
C LYS A 603 -6.02 -26.29 9.11
N GLU A 604 -6.16 -27.15 8.08
CA GLU A 604 -6.27 -26.69 6.68
C GLU A 604 -7.67 -26.21 6.28
N ASP A 605 -8.68 -26.42 7.10
CA ASP A 605 -10.05 -25.96 6.79
C ASP A 605 -10.07 -24.43 6.74
N GLU A 606 -10.57 -23.87 5.63
CA GLU A 606 -10.71 -22.41 5.46
C GLU A 606 -11.48 -21.69 6.58
N ASP A 607 -12.56 -22.29 7.06
CA ASP A 607 -13.38 -21.65 8.09
C ASP A 607 -12.73 -21.73 9.48
N PHE A 608 -11.94 -22.78 9.74
CA PHE A 608 -11.17 -22.84 10.96
C PHE A 608 -10.10 -21.78 10.89
N GLN A 609 -9.41 -21.72 9.77
CA GLN A 609 -8.44 -20.66 9.56
C GLN A 609 -8.98 -19.25 9.77
N GLU A 610 -10.12 -18.95 9.20
CA GLU A 610 -10.71 -17.62 9.30
C GLU A 610 -11.00 -17.28 10.77
N SER A 611 -11.47 -18.27 11.51
CA SER A 611 -11.84 -18.10 12.92
C SER A 611 -10.64 -17.77 13.80
N ASN A 612 -9.42 -18.08 13.32
CA ASN A 612 -8.19 -17.75 14.05
C ASN A 612 -7.49 -16.47 13.58
N LYS A 613 -8.16 -15.68 12.73
CA LYS A 613 -7.65 -14.40 12.28
C LYS A 613 -8.25 -13.24 13.00
N MET A 614 -7.53 -12.71 13.97
CA MET A 614 -8.05 -11.75 14.93
C MET A 614 -7.58 -10.34 14.50
N HIS A 615 -8.51 -9.61 13.91
CA HIS A 615 -8.25 -8.35 13.27
C HIS A 615 -8.30 -7.32 14.37
N SER A 616 -7.12 -6.76 14.72
CA SER A 616 -6.94 -6.10 15.99
C SER A 616 -5.96 -4.90 15.99
N MET A 617 -6.00 -4.17 17.11
CA MET A 617 -5.16 -3.02 17.38
C MET A 617 -4.59 -3.24 18.76
N ASN A 618 -3.26 -3.43 18.87
CA ASN A 618 -2.63 -3.79 20.14
C ASN A 618 -3.21 -5.05 20.82
N GLY A 619 -3.67 -5.99 20.02
CA GLY A 619 -4.26 -7.21 20.52
C GLY A 619 -5.72 -7.09 20.93
N PHE A 620 -6.35 -5.93 20.68
CA PHE A 620 -7.72 -5.69 21.13
C PHE A 620 -8.61 -5.53 19.92
N MET A 621 -9.89 -5.86 20.12
CA MET A 621 -10.85 -5.97 19.06
C MET A 621 -12.19 -5.42 19.50
N TYR A 622 -13.02 -5.06 18.53
CA TYR A 622 -14.40 -4.60 18.78
C TYR A 622 -14.54 -3.65 20.00
N GLY A 623 -13.70 -2.60 20.01
CA GLY A 623 -13.78 -1.52 20.99
C GLY A 623 -13.27 -1.82 22.39
N ASN A 624 -12.55 -2.92 22.58
CA ASN A 624 -12.03 -3.27 23.92
C ASN A 624 -10.68 -2.68 24.30
N LEU A 625 -10.06 -1.91 23.40
CA LEU A 625 -8.72 -1.32 23.66
C LEU A 625 -8.86 -0.20 24.68
N PRO A 626 -8.28 -0.40 25.89
CA PRO A 626 -8.37 0.62 26.91
C PRO A 626 -7.24 1.66 26.82
N GLY A 627 -7.51 2.83 27.39
CA GLY A 627 -6.51 3.83 27.75
C GLY A 627 -6.10 4.86 26.74
N LEU A 628 -6.84 5.04 25.64
CA LEU A 628 -6.58 6.14 24.70
C LEU A 628 -7.35 7.39 25.17
N ASN A 629 -6.88 7.98 26.26
CA ASN A 629 -7.59 9.07 26.91
C ASN A 629 -6.68 10.27 27.00
N MET A 630 -7.22 11.46 26.73
CA MET A 630 -6.47 12.67 26.67
C MET A 630 -7.36 13.87 26.92
N CYS A 631 -6.75 15.04 27.02
CA CYS A 631 -7.48 16.29 27.25
C CYS A 631 -7.56 17.16 25.99
N LEU A 632 -8.68 17.84 25.84
CA LEU A 632 -8.87 18.89 24.86
C LEU A 632 -7.68 19.85 24.80
N GLY A 633 -7.07 20.00 23.63
CA GLY A 633 -6.02 20.97 23.43
C GLY A 633 -4.63 20.45 23.76
N GLU A 634 -4.55 19.23 24.28
CA GLU A 634 -3.24 18.66 24.59
C GLU A 634 -2.46 18.39 23.30
N SER A 635 -1.15 18.33 23.40
CA SER A 635 -0.31 17.98 22.25
C SER A 635 -0.08 16.43 22.31
N ILE A 636 -0.54 15.71 21.27
CA ILE A 636 -0.51 14.24 21.21
C ILE A 636 0.39 13.79 20.03
N VAL A 637 1.18 12.74 20.27
CA VAL A 637 1.94 12.08 19.22
C VAL A 637 1.51 10.63 19.19
N TRP A 638 1.18 10.15 18.01
CA TRP A 638 0.75 8.78 17.73
C TRP A 638 1.86 8.11 16.91
N TYR A 639 2.31 6.94 17.32
CA TYR A 639 3.33 6.14 16.68
C TYR A 639 2.56 4.90 16.17
N LEU A 640 2.34 4.76 14.86
CA LEU A 640 1.54 3.65 14.33
C LEU A 640 2.50 2.73 13.62
N PHE A 641 2.20 1.43 13.67
CA PHE A 641 2.97 0.46 12.89
C PHE A 641 2.20 -0.81 12.64
N SER A 642 2.73 -1.63 11.73
CA SER A 642 2.11 -2.88 11.38
C SER A 642 3.13 -3.94 11.00
N ALA A 643 2.64 -5.16 10.89
CA ALA A 643 3.37 -6.33 10.46
C ALA A 643 2.33 -7.29 9.90
N GLY A 644 2.82 -8.25 9.11
CA GLY A 644 2.00 -9.34 8.56
C GLY A 644 2.34 -9.58 7.10
N ASN A 645 1.30 -9.76 6.30
CA ASN A 645 1.40 -10.13 4.91
C ASN A 645 0.48 -9.26 4.05
N GLU A 646 0.15 -9.69 2.85
CA GLU A 646 -0.63 -8.87 1.93
C GLU A 646 -2.04 -8.50 2.39
N ALA A 647 -2.60 -9.28 3.32
CA ALA A 647 -3.84 -8.91 4.01
C ALA A 647 -3.71 -7.62 4.84
N ASP A 648 -2.49 -7.31 5.27
CA ASP A 648 -2.24 -6.14 6.10
C ASP A 648 -2.13 -4.84 5.28
N VAL A 649 -3.26 -4.43 4.68
CA VAL A 649 -3.36 -3.08 4.16
C VAL A 649 -4.42 -2.29 4.92
N HIS A 650 -3.94 -1.33 5.70
CA HIS A 650 -4.69 -0.73 6.77
C HIS A 650 -4.83 0.73 6.48
N GLY A 651 -5.97 1.29 6.83
CA GLY A 651 -6.20 2.74 6.78
C GLY A 651 -6.75 3.10 8.15
N ILE A 652 -5.89 3.56 9.04
CA ILE A 652 -6.29 3.85 10.38
C ILE A 652 -6.87 5.27 10.49
N TYR A 653 -8.19 5.35 10.65
CA TYR A 653 -8.95 6.61 10.53
C TYR A 653 -9.33 7.06 11.91
N PHE A 654 -8.96 8.30 12.22
CA PHE A 654 -9.29 8.94 13.44
C PHE A 654 -10.47 9.85 13.16
N SER A 655 -11.66 9.45 13.58
CA SER A 655 -12.84 10.27 13.29
C SER A 655 -12.81 11.48 14.23
N GLY A 656 -13.33 12.60 13.79
CA GLY A 656 -13.38 13.77 14.67
C GLY A 656 -12.13 14.65 14.76
N ASN A 657 -10.91 14.12 14.50
CA ASN A 657 -9.71 14.96 14.42
C ASN A 657 -8.80 14.69 13.23
N THR A 658 -8.01 15.68 12.84
CA THR A 658 -6.96 15.48 11.86
C THR A 658 -5.59 15.46 12.55
N TYR A 659 -4.57 15.07 11.80
CA TYR A 659 -3.22 15.14 12.29
C TYR A 659 -2.32 15.75 11.22
N LEU A 660 -1.11 16.14 11.63
CA LEU A 660 -0.02 16.48 10.70
C LEU A 660 1.07 15.44 10.67
N SER A 661 1.61 15.27 9.49
CA SER A 661 2.77 14.41 9.34
C SER A 661 3.49 14.88 8.09
N LYS A 662 4.77 15.19 8.22
CA LYS A 662 5.58 15.70 7.13
C LYS A 662 4.92 16.87 6.39
N GLY A 663 4.33 17.76 7.16
CA GLY A 663 3.60 18.93 6.66
C GLY A 663 2.31 18.70 5.87
N GLU A 664 1.78 17.47 5.87
CA GLU A 664 0.57 17.14 5.15
C GLU A 664 -0.52 16.83 6.17
N ARG A 665 -1.72 17.34 5.92
CA ARG A 665 -2.90 17.06 6.74
C ARG A 665 -3.70 15.85 6.32
N ARG A 666 -3.90 14.90 7.23
CA ARG A 666 -4.74 13.74 6.94
C ARG A 666 -5.51 13.36 8.20
N ASP A 667 -6.45 12.46 8.03
CA ASP A 667 -7.05 11.82 9.14
C ASP A 667 -7.04 10.28 9.09
N THR A 668 -6.36 9.71 8.11
CA THR A 668 -6.32 8.26 7.92
C THR A 668 -4.88 7.89 7.54
N ALA A 669 -4.27 7.00 8.30
CA ALA A 669 -2.86 6.62 8.07
C ALA A 669 -2.79 5.22 7.49
N ASN A 670 -2.12 5.11 6.35
CA ASN A 670 -2.00 3.85 5.68
C ASN A 670 -0.79 3.09 6.22
N LEU A 671 -1.02 1.83 6.59
CA LEU A 671 0.02 0.94 7.09
C LEU A 671 0.05 -0.35 6.27
N PHE A 672 1.24 -0.97 6.31
CA PHE A 672 1.57 -2.18 5.59
C PHE A 672 2.59 -2.89 6.46
N PRO A 673 2.99 -4.14 6.10
CA PRO A 673 3.97 -4.85 6.93
C PRO A 673 5.22 -4.03 7.12
N HIS A 674 5.57 -3.86 8.39
CA HIS A 674 6.82 -3.16 8.87
C HIS A 674 6.91 -1.65 8.66
N LYS A 675 5.79 -1.09 8.25
CA LYS A 675 5.67 0.30 8.10
C LYS A 675 5.41 0.85 9.47
N SER A 676 5.90 2.07 9.66
CA SER A 676 5.70 2.81 10.90
C SER A 676 5.62 4.32 10.61
N LEU A 677 4.84 5.06 11.39
CA LEU A 677 4.62 6.50 11.16
C LEU A 677 4.49 7.27 12.46
N THR A 678 4.85 8.54 12.44
CA THR A 678 4.66 9.42 13.56
C THR A 678 3.64 10.48 13.16
N LEU A 679 2.56 10.61 13.94
CA LEU A 679 1.51 11.62 13.63
C LEU A 679 1.30 12.63 14.74
N LEU A 680 1.07 13.90 14.42
CA LEU A 680 0.96 14.95 15.44
C LEU A 680 -0.46 15.46 15.45
N MET A 681 -1.07 15.47 16.63
CA MET A 681 -2.47 15.81 16.72
C MET A 681 -2.68 16.71 17.94
N THR A 682 -3.51 17.73 17.78
CA THR A 682 -3.95 18.54 18.90
C THR A 682 -5.46 18.52 18.88
N PRO A 683 -6.06 17.66 19.70
CA PRO A 683 -7.48 17.46 19.51
C PRO A 683 -8.25 18.69 19.95
N ASP A 684 -9.31 19.04 19.23
CA ASP A 684 -9.97 20.32 19.42
C ASP A 684 -11.50 20.19 19.68
N THR A 685 -11.98 18.99 19.96
CA THR A 685 -13.36 18.79 20.31
C THR A 685 -13.48 17.62 21.31
N GLU A 686 -14.30 17.86 22.33
CA GLU A 686 -14.58 16.89 23.35
C GLU A 686 -15.49 15.76 22.82
N GLY A 687 -15.27 14.56 23.33
CA GLY A 687 -16.14 13.43 23.05
C GLY A 687 -15.43 12.10 23.05
N SER A 688 -16.18 11.07 22.67
CA SER A 688 -15.70 9.71 22.44
C SER A 688 -15.70 9.43 20.94
N PHE A 689 -14.51 9.21 20.39
CA PHE A 689 -14.33 9.11 18.97
C PHE A 689 -13.87 7.74 18.58
N ASP A 690 -14.03 7.42 17.29
CA ASP A 690 -13.52 6.18 16.72
C ASP A 690 -12.09 6.34 16.17
N VAL A 691 -11.20 5.40 16.49
CA VAL A 691 -9.99 5.16 15.72
C VAL A 691 -10.25 3.78 15.19
N GLU A 692 -10.22 3.62 13.88
CA GLU A 692 -10.69 2.39 13.23
C GLU A 692 -9.92 2.18 11.94
N CYS A 693 -9.81 0.94 11.52
CA CYS A 693 -9.29 0.69 10.20
C CYS A 693 -10.47 0.79 9.25
N LEU A 694 -10.32 1.59 8.20
CA LEU A 694 -11.31 1.81 7.10
C LEU A 694 -11.40 0.68 6.14
N THR A 695 -10.38 -0.18 6.17
CA THR A 695 -10.38 -1.29 5.29
C THR A 695 -11.48 -2.23 5.71
N THR A 696 -12.34 -2.42 4.75
CA THR A 696 -13.71 -2.92 4.87
C THR A 696 -13.78 -4.24 5.65
N ASP A 697 -12.99 -5.21 5.23
CA ASP A 697 -12.92 -6.52 5.87
C ASP A 697 -12.44 -6.35 7.33
N HIS A 698 -11.52 -5.40 7.57
CA HIS A 698 -10.88 -5.27 8.89
C HIS A 698 -11.86 -4.67 9.87
N TYR A 699 -12.60 -3.68 9.46
CA TYR A 699 -13.59 -3.04 10.32
C TYR A 699 -14.67 -4.04 10.75
N THR A 700 -15.24 -4.72 9.77
CA THR A 700 -16.17 -5.84 9.99
C THR A 700 -15.54 -6.88 10.93
N GLY A 701 -14.27 -7.19 10.75
CA GLY A 701 -13.58 -8.17 11.59
C GLY A 701 -13.16 -7.73 12.99
N GLY A 702 -13.45 -6.48 13.33
CA GLY A 702 -13.22 -5.96 14.65
C GLY A 702 -12.09 -4.96 14.87
N MET A 703 -11.44 -4.49 13.82
CA MET A 703 -10.29 -3.57 13.96
C MET A 703 -10.81 -2.15 14.11
N LYS A 704 -11.28 -1.83 15.31
CA LYS A 704 -11.92 -0.54 15.61
C LYS A 704 -11.93 -0.31 17.12
N GLN A 705 -11.65 0.91 17.54
CA GLN A 705 -11.48 1.23 18.94
C GLN A 705 -11.96 2.66 19.20
N LYS A 706 -11.94 3.06 20.46
CA LYS A 706 -12.38 4.36 20.90
C LYS A 706 -11.19 5.14 21.40
N TYR A 707 -11.18 6.44 21.13
CA TYR A 707 -10.32 7.34 21.84
C TYR A 707 -11.12 8.51 22.36
N THR A 708 -10.72 9.01 23.52
CA THR A 708 -11.55 9.86 24.33
C THR A 708 -10.86 11.17 24.53
N VAL A 709 -11.59 12.27 24.34
CA VAL A 709 -11.03 13.59 24.54
C VAL A 709 -11.97 14.28 25.52
N ASN A 710 -11.39 14.69 26.65
CA ASN A 710 -12.15 15.18 27.83
C ASN A 710 -11.82 16.63 28.09
N GLN A 711 -12.72 17.34 28.77
CA GLN A 711 -12.50 18.80 28.99
C GLN A 711 -11.38 19.12 30.00
N CYS A 712 -11.40 18.40 31.12
CA CYS A 712 -10.35 18.50 32.16
C CYS A 712 -10.31 19.81 32.99
N LYS A 713 -11.29 20.72 32.86
CA LYS A 713 -11.35 22.04 33.61
C LYS A 713 -12.52 22.99 33.31
N GLY A 714 -12.79 23.16 32.02
CA GLY A 714 -13.63 24.24 31.49
C GLY A 714 -13.29 24.53 30.01
N GLN A 715 -13.67 25.71 29.47
CA GLN A 715 -14.26 26.84 30.23
C GLN A 715 -15.12 27.85 29.44
N PHE A 716 -14.61 28.38 28.31
CA PHE A 716 -15.41 29.29 27.43
C PHE A 716 -16.58 28.51 26.75
N GLU A 717 -17.68 29.20 26.44
CA GLU A 717 -18.92 28.56 25.89
C GLU A 717 -18.88 28.20 24.37
N ASP A 718 -18.28 29.07 23.54
CA ASP A 718 -18.41 29.00 22.08
C ASP A 718 -17.20 29.72 21.39
N VAL A 719 -16.07 29.00 21.25
CA VAL A 719 -14.81 29.55 20.61
C VAL A 719 -14.15 28.58 19.59
N THR A 720 -14.62 28.63 18.33
CA THR A 720 -14.05 27.86 17.19
C THR A 720 -14.44 28.51 15.82
N LEU A 721 -13.69 28.25 14.73
CA LEU A 721 -13.71 29.12 13.50
C LEU A 721 -14.85 28.91 12.43
N TYR A 722 -15.70 29.94 12.35
CA TYR A 722 -16.73 30.15 11.29
C TYR A 722 -16.70 31.66 10.83
N GLN A 723 -16.70 31.92 9.51
CA GLN A 723 -16.79 33.30 8.90
C GLN A 723 -17.70 33.29 7.67
N GLY A 724 -17.31 32.54 6.63
CA GLY A 724 -18.19 32.21 5.51
C GLY A 724 -19.20 31.16 5.93
N GLU A 725 -20.33 31.14 5.25
CA GLU A 725 -21.36 30.11 5.39
C GLU A 725 -21.60 29.61 3.98
N ARG A 726 -21.73 28.31 3.81
CA ARG A 726 -22.10 27.76 2.51
C ARG A 726 -23.18 26.77 2.78
N THR A 727 -24.21 26.74 1.96
CA THR A 727 -25.22 25.70 2.15
C THR A 727 -25.35 24.80 0.88
N TYR A 728 -25.32 23.48 1.09
CA TYR A 728 -25.58 22.51 0.04
C TYR A 728 -26.81 21.67 0.37
N TYR A 729 -27.67 21.48 -0.62
CA TYR A 729 -28.83 20.61 -0.50
C TYR A 729 -28.47 19.32 -1.26
N ILE A 730 -28.40 18.22 -0.51
CA ILE A 730 -27.95 16.95 -1.07
C ILE A 730 -28.93 15.87 -0.63
N ALA A 731 -29.27 14.98 -1.56
CA ALA A 731 -30.09 13.84 -1.21
C ALA A 731 -29.46 12.50 -1.54
N ALA A 732 -29.91 11.49 -0.82
CA ALA A 732 -29.60 10.10 -1.11
C ALA A 732 -30.76 9.56 -1.92
N VAL A 733 -30.49 9.26 -3.20
CA VAL A 733 -31.48 8.79 -4.15
C VAL A 733 -31.19 7.37 -4.63
N GLU A 734 -32.22 6.52 -4.65
CA GLU A 734 -32.16 5.15 -5.18
C GLU A 734 -32.29 5.22 -6.69
N VAL A 735 -31.39 4.57 -7.38
CA VAL A 735 -31.16 4.83 -8.79
C VAL A 735 -30.76 3.48 -9.40
N GLU A 736 -30.97 3.34 -10.70
CA GLU A 736 -30.45 2.18 -11.41
C GLU A 736 -29.10 2.62 -11.95
N TRP A 737 -28.04 1.92 -11.54
CA TRP A 737 -26.67 2.27 -11.93
C TRP A 737 -26.13 1.29 -12.94
N ASP A 738 -25.55 1.78 -14.05
CA ASP A 738 -24.92 0.92 -15.07
C ASP A 738 -23.40 1.19 -15.09
N TYR A 739 -22.67 0.20 -14.63
CA TYR A 739 -21.20 0.21 -14.64
C TYR A 739 -20.60 0.19 -16.03
N SER A 740 -21.35 -0.27 -17.02
CA SER A 740 -20.86 -0.33 -18.39
C SER A 740 -22.00 -0.17 -19.40
N PRO A 741 -22.52 1.08 -19.57
CA PRO A 741 -23.67 1.19 -20.45
C PRO A 741 -23.33 0.91 -21.93
N SER A 742 -22.09 1.11 -22.36
CA SER A 742 -21.65 0.59 -23.65
C SER A 742 -20.57 -0.45 -23.42
N ARG A 743 -20.40 -1.35 -24.38
CA ARG A 743 -19.27 -2.27 -24.39
C ARG A 743 -18.32 -2.08 -25.58
N ASP A 744 -18.46 -0.96 -26.31
CA ASP A 744 -17.69 -0.70 -27.55
C ASP A 744 -16.18 -0.48 -27.27
N TRP A 745 -15.88 0.28 -26.22
CA TRP A 745 -14.49 0.50 -25.83
C TRP A 745 -13.84 -0.86 -25.52
N GLU A 746 -14.50 -1.63 -24.67
CA GLU A 746 -14.00 -2.92 -24.27
C GLU A 746 -13.77 -3.84 -25.46
N MET A 747 -14.80 -3.96 -26.31
CA MET A 747 -14.70 -4.84 -27.49
CA MET A 747 -14.73 -4.80 -27.53
C MET A 747 -13.59 -4.35 -28.46
N GLU A 748 -13.49 -3.05 -28.70
CA GLU A 748 -12.43 -2.53 -29.54
C GLU A 748 -11.03 -2.78 -28.97
N LEU A 749 -10.86 -2.59 -27.66
CA LEU A 749 -9.57 -2.86 -27.01
C LEU A 749 -9.15 -4.26 -27.37
N HIS A 750 -10.08 -5.20 -27.18
CA HIS A 750 -9.81 -6.61 -27.43
C HIS A 750 -9.52 -6.98 -28.92
N HIS A 751 -10.20 -6.31 -29.85
CA HIS A 751 -9.95 -6.48 -31.29
C HIS A 751 -8.48 -6.10 -31.52
N LEU A 752 -8.09 -4.94 -31.01
CA LEU A 752 -6.73 -4.43 -31.17
C LEU A 752 -5.63 -5.31 -30.54
N GLN A 753 -5.94 -5.94 -29.41
CA GLN A 753 -5.02 -6.86 -28.75
C GLN A 753 -4.97 -8.23 -29.42
N GLU A 754 -6.00 -8.51 -30.24
CA GLU A 754 -6.21 -9.81 -30.90
C GLU A 754 -6.44 -10.87 -29.84
N GLN A 755 -7.52 -10.70 -29.08
CA GLN A 755 -7.89 -11.64 -28.01
C GLN A 755 -9.39 -11.66 -27.91
N ASN A 756 -9.97 -12.83 -27.62
CA ASN A 756 -11.43 -12.92 -27.55
C ASN A 756 -11.84 -12.60 -26.12
N VAL A 757 -11.48 -13.49 -25.19
CA VAL A 757 -11.77 -13.37 -23.74
C VAL A 757 -13.21 -12.97 -23.27
N SER A 758 -13.74 -13.76 -22.34
CA SER A 758 -15.03 -13.45 -21.73
C SER A 758 -14.83 -12.42 -20.60
N ASN A 759 -15.96 -12.05 -19.99
CA ASN A 759 -15.99 -11.08 -18.93
C ASN A 759 -16.89 -11.54 -17.78
N ALA A 760 -16.25 -11.89 -16.67
CA ALA A 760 -16.93 -12.44 -15.49
C ALA A 760 -17.87 -11.45 -14.82
N PHE A 761 -17.69 -10.15 -15.11
CA PHE A 761 -18.38 -9.08 -14.39
C PHE A 761 -19.63 -8.52 -15.07
N LEU A 762 -19.61 -8.58 -16.39
CA LEU A 762 -20.63 -8.01 -17.26
C LEU A 762 -21.51 -9.04 -18.00
N ASP A 763 -21.02 -10.26 -18.22
CA ASP A 763 -21.77 -11.28 -18.99
C ASP A 763 -22.79 -11.89 -18.06
N LYS A 764 -24.07 -11.75 -18.40
CA LYS A 764 -25.16 -12.34 -17.61
C LYS A 764 -25.09 -13.87 -17.56
N GLU A 765 -24.55 -14.51 -18.61
CA GLU A 765 -24.38 -15.96 -18.64
C GLU A 765 -25.76 -16.66 -18.50
N GLU A 766 -25.86 -17.75 -17.75
CA GLU A 766 -27.16 -18.35 -17.42
C GLU A 766 -27.94 -17.46 -16.43
N PHE A 767 -27.38 -17.16 -15.25
CA PHE A 767 -28.16 -16.51 -14.15
C PHE A 767 -27.48 -15.35 -13.35
N PHE A 768 -26.45 -14.71 -13.89
CA PHE A 768 -25.83 -13.57 -13.21
C PHE A 768 -26.51 -12.25 -13.54
N ILE A 769 -26.19 -11.24 -12.75
CA ILE A 769 -26.89 -9.96 -12.75
C ILE A 769 -26.46 -9.08 -13.92
N GLY A 770 -25.16 -9.04 -14.20
CA GLY A 770 -24.63 -8.17 -15.24
C GLY A 770 -24.03 -6.84 -14.78
N SER A 771 -24.28 -5.79 -15.56
CA SER A 771 -23.69 -4.49 -15.39
C SER A 771 -24.58 -3.44 -14.72
N LYS A 772 -25.90 -3.69 -14.67
CA LYS A 772 -26.88 -2.81 -14.04
C LYS A 772 -27.24 -3.27 -12.61
N TYR A 773 -27.15 -2.34 -11.65
CA TYR A 773 -27.50 -2.62 -10.25
C TYR A 773 -28.27 -1.46 -9.65
N LYS A 774 -29.33 -1.77 -8.89
CA LYS A 774 -29.94 -0.78 -8.03
C LYS A 774 -28.90 -0.35 -6.99
N LYS A 775 -28.57 0.93 -6.97
CA LYS A 775 -27.71 1.51 -5.95
C LYS A 775 -28.40 2.72 -5.29
N VAL A 776 -27.74 3.26 -4.27
CA VAL A 776 -28.15 4.53 -3.67
C VAL A 776 -26.98 5.48 -3.78
N VAL A 777 -27.22 6.67 -4.30
CA VAL A 777 -26.16 7.65 -4.56
C VAL A 777 -26.52 9.04 -4.06
N TYR A 778 -25.51 9.85 -3.76
CA TYR A 778 -25.73 11.24 -3.36
C TYR A 778 -25.89 12.08 -4.62
N ARG A 779 -26.90 12.97 -4.63
CA ARG A 779 -27.11 13.90 -5.73
C ARG A 779 -27.49 15.33 -5.26
N GLU A 780 -26.97 16.35 -5.91
CA GLU A 780 -27.27 17.72 -5.46
C GLU A 780 -28.70 18.15 -5.87
N PHE A 781 -29.35 18.92 -5.00
CA PHE A 781 -30.64 19.61 -5.34
C PHE A 781 -30.53 21.15 -5.21
N THR A 782 -31.46 21.88 -5.83
CA THR A 782 -31.31 23.34 -5.94
C THR A 782 -31.70 24.12 -4.70
N ASP A 783 -32.55 23.57 -3.85
CA ASP A 783 -33.00 24.29 -2.66
C ASP A 783 -33.60 23.32 -1.65
N SER A 784 -34.16 23.83 -0.55
CA SER A 784 -34.68 22.97 0.54
C SER A 784 -36.02 22.26 0.26
N THR A 785 -36.62 22.51 -0.91
CA THR A 785 -37.83 21.79 -1.31
C THR A 785 -37.49 20.40 -1.86
N PHE A 786 -36.28 20.23 -2.35
CA PHE A 786 -35.86 18.97 -3.01
C PHE A 786 -36.73 18.55 -4.24
N ARG A 787 -37.24 19.56 -4.96
CA ARG A 787 -38.08 19.33 -6.13
CA ARG A 787 -38.11 19.47 -6.16
C ARG A 787 -37.33 19.37 -7.45
N GLU A 788 -36.13 19.94 -7.47
CA GLU A 788 -35.28 19.93 -8.64
C GLU A 788 -33.85 19.47 -8.34
N GLN A 789 -33.45 18.39 -9.01
CA GLN A 789 -32.11 17.87 -8.96
C GLN A 789 -31.26 18.83 -9.76
N VAL A 790 -30.06 19.14 -9.29
CA VAL A 790 -29.15 19.97 -10.04
C VAL A 790 -28.77 19.21 -11.30
N LYS A 791 -28.85 19.90 -12.43
CA LYS A 791 -28.52 19.34 -13.73
C LYS A 791 -27.02 19.34 -13.82
N ARG A 792 -26.43 18.18 -14.07
CA ARG A 792 -24.97 18.12 -14.06
C ARG A 792 -24.41 18.74 -15.34
N ARG A 793 -23.46 19.67 -15.18
CA ARG A 793 -22.71 20.27 -16.28
C ARG A 793 -21.77 19.28 -16.97
N ALA A 794 -21.21 19.72 -18.09
CA ALA A 794 -20.23 18.97 -18.88
C ALA A 794 -18.94 18.68 -18.10
N GLU A 795 -18.55 19.63 -17.26
CA GLU A 795 -17.31 19.53 -16.48
C GLU A 795 -17.48 18.70 -15.19
N GLU A 796 -18.71 18.27 -14.91
CA GLU A 796 -19.01 17.32 -13.85
C GLU A 796 -19.46 15.92 -14.36
N GLU A 797 -19.62 15.74 -15.67
CA GLU A 797 -20.02 14.44 -16.24
C GLU A 797 -19.16 13.29 -15.67
N HIS A 798 -17.86 13.54 -15.58
CA HIS A 798 -16.85 12.59 -15.07
C HIS A 798 -17.07 12.08 -13.66
N LEU A 799 -17.85 12.79 -12.83
CA LEU A 799 -18.10 12.37 -11.44
C LEU A 799 -18.69 10.99 -11.29
N GLY A 800 -19.51 10.57 -12.25
CA GLY A 800 -20.07 9.22 -12.22
C GLY A 800 -20.83 8.98 -10.94
N ILE A 801 -20.51 7.91 -10.23
CA ILE A 801 -21.23 7.59 -9.00
C ILE A 801 -21.00 8.57 -7.85
N LEU A 802 -19.91 9.35 -7.91
CA LEU A 802 -19.61 10.28 -6.86
C LEU A 802 -20.72 11.29 -6.68
N GLY A 803 -20.96 11.68 -5.43
CA GLY A 803 -21.78 12.80 -5.10
C GLY A 803 -21.20 14.09 -5.62
N PRO A 804 -21.96 15.18 -5.50
CA PRO A 804 -21.48 16.50 -6.00
C PRO A 804 -20.26 16.96 -5.21
N LEU A 805 -19.37 17.64 -5.93
CA LEU A 805 -18.26 18.38 -5.31
C LEU A 805 -18.82 19.32 -4.26
N ILE A 806 -18.36 19.22 -3.02
CA ILE A 806 -18.63 20.21 -2.02
C ILE A 806 -17.33 20.99 -1.84
N HIS A 807 -17.40 22.28 -2.13
CA HIS A 807 -16.26 23.18 -1.96
C HIS A 807 -16.38 23.98 -0.67
N ALA A 808 -15.25 24.19 -0.01
CA ALA A 808 -15.20 25.02 1.17
C ALA A 808 -13.85 25.64 1.34
N ASP A 809 -13.85 26.84 1.92
CA ASP A 809 -12.62 27.54 2.30
C ASP A 809 -12.40 27.42 3.83
N VAL A 810 -11.12 27.38 4.21
CA VAL A 810 -10.74 27.46 5.61
C VAL A 810 -11.41 28.69 6.24
N GLY A 811 -12.05 28.44 7.39
CA GLY A 811 -12.84 29.44 8.06
C GLY A 811 -14.32 29.34 7.77
N ASP A 812 -14.77 28.57 6.78
CA ASP A 812 -16.21 28.45 6.51
C ASP A 812 -16.91 27.52 7.49
N LYS A 813 -18.22 27.68 7.56
CA LYS A 813 -19.13 26.70 8.14
C LYS A 813 -19.86 26.16 6.93
N VAL A 814 -20.01 24.85 6.81
CA VAL A 814 -20.75 24.28 5.69
C VAL A 814 -22.03 23.67 6.26
N LYS A 815 -23.17 24.10 5.75
CA LYS A 815 -24.46 23.52 6.11
C LYS A 815 -24.81 22.56 5.01
N VAL A 816 -24.89 21.28 5.35
CA VAL A 816 -25.34 20.23 4.43
C VAL A 816 -26.77 19.86 4.83
N VAL A 817 -27.75 20.30 4.03
CA VAL A 817 -29.15 19.98 4.25
C VAL A 817 -29.43 18.70 3.46
N PHE A 818 -29.65 17.63 4.18
CA PHE A 818 -29.63 16.30 3.63
C PHE A 818 -31.02 15.71 3.65
N LYS A 819 -31.49 15.26 2.48
CA LYS A 819 -32.77 14.55 2.43
C LYS A 819 -32.53 13.12 2.07
N ASN A 820 -33.09 12.20 2.85
CA ASN A 820 -33.03 10.78 2.55
C ASN A 820 -34.27 10.40 1.74
N MET A 821 -34.06 10.20 0.44
CA MET A 821 -35.12 9.83 -0.51
C MET A 821 -35.05 8.35 -0.83
N ALA A 822 -34.43 7.57 0.05
CA ALA A 822 -34.16 6.14 -0.18
C ALA A 822 -34.94 5.31 0.84
N SER A 823 -34.75 3.99 0.81
CA SER A 823 -35.62 3.04 1.55
C SER A 823 -35.18 2.67 3.00
N ARG A 824 -34.08 3.24 3.49
CA ARG A 824 -33.59 2.92 4.83
C ARG A 824 -32.73 4.08 5.34
N PRO A 825 -32.39 4.12 6.65
CA PRO A 825 -31.58 5.22 7.19
C PRO A 825 -30.14 5.29 6.66
N TYR A 826 -29.74 6.52 6.37
CA TYR A 826 -28.40 6.85 5.89
C TYR A 826 -28.03 8.18 6.49
N SER A 827 -26.79 8.58 6.21
CA SER A 827 -26.28 9.87 6.68
C SER A 827 -25.29 10.46 5.69
N ILE A 828 -24.78 11.64 6.06
CA ILE A 828 -23.68 12.30 5.34
C ILE A 828 -22.69 12.87 6.36
N HIS A 829 -21.43 12.48 6.22
CA HIS A 829 -20.35 12.91 7.09
C HIS A 829 -19.05 12.97 6.30
N ALA A 830 -18.16 13.87 6.67
CA ALA A 830 -16.93 14.03 5.94
C ALA A 830 -15.69 13.73 6.80
N HIS A 831 -14.70 13.13 6.17
CA HIS A 831 -13.36 13.20 6.70
C HIS A 831 -12.91 14.68 6.84
N GLY A 832 -11.93 14.93 7.71
CA GLY A 832 -11.29 16.26 7.83
C GLY A 832 -11.99 17.32 8.67
N VAL A 833 -13.28 17.25 8.71
CA VAL A 833 -14.13 18.34 9.03
C VAL A 833 -14.35 18.29 10.56
N LYS A 834 -14.61 19.43 11.16
CA LYS A 834 -14.83 19.46 12.59
C LYS A 834 -16.33 19.51 12.84
N THR A 835 -16.82 18.79 13.85
CA THR A 835 -18.23 18.88 14.23
C THR A 835 -18.38 19.08 15.72
N LYS A 836 -19.59 19.44 16.12
CA LYS A 836 -19.92 19.74 17.50
C LYS A 836 -19.86 18.52 18.45
N SER A 837 -20.11 17.32 17.94
CA SER A 837 -20.10 16.14 18.77
C SER A 837 -19.60 14.95 17.99
N SER A 838 -19.29 13.88 18.74
CA SER A 838 -18.79 12.63 18.18
C SER A 838 -19.83 11.78 17.47
N THR A 839 -21.11 12.01 17.72
CA THR A 839 -22.14 11.16 17.12
C THR A 839 -22.62 11.82 15.82
N VAL A 840 -22.83 11.00 14.79
CA VAL A 840 -23.48 11.46 13.60
C VAL A 840 -24.90 10.90 13.56
N ALA A 841 -25.88 11.79 13.55
CA ALA A 841 -27.30 11.41 13.55
C ALA A 841 -27.70 10.72 12.24
N PRO A 842 -28.43 9.63 12.33
CA PRO A 842 -28.95 9.09 11.08
C PRO A 842 -30.10 9.97 10.55
N THR A 843 -30.34 9.94 9.25
CA THR A 843 -31.51 10.58 8.67
C THR A 843 -32.41 9.46 8.22
N LEU A 844 -33.63 9.43 8.74
CA LEU A 844 -34.58 8.38 8.36
C LEU A 844 -35.15 8.66 6.98
N PRO A 845 -35.70 7.61 6.33
CA PRO A 845 -36.35 7.78 5.04
C PRO A 845 -37.41 8.88 5.06
N GLY A 846 -37.34 9.77 4.08
CA GLY A 846 -38.23 10.92 4.00
C GLY A 846 -37.94 12.10 4.93
N GLU A 847 -37.03 11.95 5.88
CA GLU A 847 -36.62 13.03 6.79
C GLU A 847 -35.53 13.91 6.10
N VAL A 848 -35.51 15.20 6.47
CA VAL A 848 -34.42 16.08 6.10
C VAL A 848 -33.75 16.56 7.37
N ARG A 849 -32.42 16.57 7.34
CA ARG A 849 -31.66 16.91 8.48
C ARG A 849 -30.48 17.76 8.07
N THR A 850 -30.17 18.73 8.90
CA THR A 850 -29.09 19.63 8.65
C THR A 850 -27.84 19.11 9.39
N TYR A 851 -26.75 18.88 8.65
CA TYR A 851 -25.45 18.57 9.27
C TYR A 851 -24.53 19.80 9.11
N ILE A 852 -23.76 20.09 10.15
CA ILE A 852 -22.98 21.31 10.19
C ILE A 852 -21.53 20.87 10.27
N TRP A 853 -20.77 21.26 9.26
CA TRP A 853 -19.35 20.95 9.16
C TRP A 853 -18.53 22.23 9.29
N GLN A 854 -17.78 22.35 10.38
CA GLN A 854 -16.85 23.43 10.55
C GLN A 854 -15.53 23.11 9.82
N ILE A 855 -14.95 24.17 9.23
CA ILE A 855 -13.78 24.11 8.37
C ILE A 855 -12.70 25.00 8.97
N PRO A 856 -12.22 24.65 10.17
CA PRO A 856 -11.07 25.38 10.69
C PRO A 856 -9.79 25.07 9.94
N GLU A 857 -8.73 25.78 10.33
CA GLU A 857 -7.42 25.61 9.76
C GLU A 857 -6.99 24.13 9.71
N ARG A 858 -7.23 23.39 10.77
CA ARG A 858 -6.84 21.96 10.81
C ARG A 858 -7.66 21.02 9.88
N SER A 859 -8.70 21.56 9.20
CA SER A 859 -9.47 20.80 8.19
C SER A 859 -9.00 21.12 6.73
N GLY A 860 -8.03 22.05 6.59
CA GLY A 860 -7.45 22.40 5.30
C GLY A 860 -5.98 22.01 5.20
N ALA A 861 -5.35 22.38 4.09
CA ALA A 861 -3.95 22.07 3.84
C ALA A 861 -3.05 22.29 5.04
N GLY A 862 -2.14 21.33 5.24
CA GLY A 862 -0.94 21.54 6.09
C GLY A 862 0.05 22.43 5.32
N THR A 863 1.17 22.82 5.91
CA THR A 863 2.10 23.77 5.26
C THR A 863 2.70 23.22 3.97
N GLU A 864 2.76 21.90 3.82
CA GLU A 864 3.30 21.30 2.60
C GLU A 864 2.26 20.65 1.70
N ASP A 865 0.99 20.90 1.96
CA ASP A 865 -0.06 20.49 1.03
C ASP A 865 -0.21 21.54 -0.07
N SER A 866 -0.77 21.11 -1.20
CA SER A 866 -1.20 22.08 -2.23
C SER A 866 -2.36 22.89 -1.62
N PRO A 867 -2.72 24.02 -2.24
CA PRO A 867 -3.75 24.86 -1.58
C PRO A 867 -5.10 24.16 -1.33
N CYS A 868 -5.50 23.25 -2.20
CA CYS A 868 -6.78 22.59 -2.09
C CYS A 868 -6.53 21.11 -1.86
N ILE A 869 -7.22 20.52 -0.86
CA ILE A 869 -7.09 19.11 -0.49
C ILE A 869 -8.47 18.44 -0.44
N PRO A 870 -8.53 17.16 -0.82
CA PRO A 870 -9.80 16.45 -0.87
C PRO A 870 -10.00 15.59 0.32
N TRP A 871 -11.27 15.45 0.71
CA TRP A 871 -11.69 14.59 1.79
C TRP A 871 -12.91 13.82 1.29
N ALA A 872 -12.98 12.51 1.56
CA ALA A 872 -14.19 11.73 1.23
C ALA A 872 -15.33 12.09 2.14
N TYR A 873 -16.55 12.24 1.59
CA TYR A 873 -17.75 12.16 2.40
C TYR A 873 -18.55 10.92 2.05
N TYR A 874 -19.30 10.40 3.03
CA TYR A 874 -19.78 9.01 3.01
C TYR A 874 -20.86 8.92 4.10
N SER A 875 -21.56 7.79 4.18
CA SER A 875 -22.57 7.57 5.23
C SER A 875 -22.00 6.71 6.41
N THR A 876 -22.45 7.05 7.63
CA THR A 876 -21.96 6.46 8.88
C THR A 876 -22.87 5.40 9.48
N VAL A 877 -24.09 5.23 8.95
CA VAL A 877 -25.03 4.32 9.57
C VAL A 877 -24.47 2.88 9.51
N ASP A 878 -24.08 2.45 8.32
CA ASP A 878 -23.34 1.19 8.12
C ASP A 878 -22.19 1.51 7.16
N ARG A 879 -21.02 1.80 7.72
CA ARG A 879 -19.86 2.29 6.95
C ARG A 879 -19.53 1.44 5.72
N VAL A 880 -19.59 0.13 5.91
CA VAL A 880 -19.22 -0.79 4.88
C VAL A 880 -20.32 -0.87 3.83
N LYS A 881 -21.52 -1.21 4.28
CA LYS A 881 -22.60 -1.50 3.33
C LYS A 881 -23.09 -0.22 2.64
N ASP A 882 -23.08 0.92 3.35
CA ASP A 882 -23.50 2.18 2.70
C ASP A 882 -22.54 2.59 1.62
N LEU A 883 -21.23 2.38 1.84
CA LEU A 883 -20.23 2.70 0.81
C LEU A 883 -20.51 1.92 -0.45
N TYR A 884 -20.63 0.61 -0.27
CA TYR A 884 -20.74 -0.26 -1.40
C TYR A 884 -22.09 -0.16 -2.09
N SER A 885 -23.09 0.29 -1.35
CA SER A 885 -24.40 0.51 -1.93
C SER A 885 -24.38 1.74 -2.82
N GLY A 886 -23.43 2.63 -2.60
CA GLY A 886 -23.15 3.72 -3.53
C GLY A 886 -22.88 5.11 -3.01
N LEU A 887 -22.91 5.32 -1.71
CA LEU A 887 -22.83 6.69 -1.16
C LEU A 887 -21.39 7.07 -0.91
N ILE A 888 -20.89 7.99 -1.73
CA ILE A 888 -19.53 8.46 -1.62
C ILE A 888 -19.39 9.74 -2.41
N GLY A 889 -18.61 10.71 -1.92
CA GLY A 889 -18.37 11.94 -2.66
C GLY A 889 -17.17 12.74 -2.17
N PRO A 890 -16.75 13.78 -2.92
CA PRO A 890 -15.59 14.57 -2.59
C PRO A 890 -15.94 15.94 -2.01
N LEU A 891 -15.39 16.17 -0.82
CA LEU A 891 -15.31 17.49 -0.20
C LEU A 891 -13.92 18.03 -0.52
N ILE A 892 -13.86 19.24 -1.08
CA ILE A 892 -12.63 19.96 -1.39
C ILE A 892 -12.49 21.15 -0.46
N VAL A 893 -11.41 21.19 0.31
CA VAL A 893 -11.16 22.31 1.20
C VAL A 893 -9.95 23.08 0.71
N CYS A 894 -10.12 24.37 0.44
CA CYS A 894 -9.06 25.27 -0.03
C CYS A 894 -8.63 26.25 1.04
N ARG A 895 -7.35 26.63 1.02
CA ARG A 895 -6.84 27.71 1.90
C ARG A 895 -7.60 28.95 1.57
N LYS A 896 -7.93 29.73 2.58
CA LYS A 896 -8.56 31.02 2.34
C LYS A 896 -7.76 31.85 1.31
N SER A 897 -8.51 32.30 0.31
CA SER A 897 -8.05 33.16 -0.78
C SER A 897 -7.17 34.34 -0.29
N TYR A 898 -5.90 34.29 -0.69
CA TYR A 898 -4.93 35.38 -0.48
C TYR A 898 -5.45 36.76 -0.94
N VAL A 899 -4.98 37.80 -0.27
CA VAL A 899 -5.24 39.17 -0.67
C VAL A 899 -3.98 39.69 -1.40
N LYS A 900 -4.07 39.68 -2.74
CA LYS A 900 -3.00 40.17 -3.66
C LYS A 900 -3.50 40.13 -5.12
N VAL A 901 -3.86 38.92 -5.58
CA VAL A 901 -4.38 38.59 -6.96
C VAL A 901 -4.97 39.73 -7.88
N PHE A 902 -4.39 39.91 -9.09
CA PHE A 902 -4.80 40.96 -10.09
C PHE A 902 -5.60 40.43 -11.32
N ASN A 903 -5.25 39.22 -11.83
CA ASN A 903 -5.84 38.62 -13.07
C ASN A 903 -6.23 37.11 -12.91
N PRO A 904 -6.97 36.52 -13.90
CA PRO A 904 -7.34 35.08 -13.81
C PRO A 904 -6.21 34.07 -14.21
N LYS A 905 -6.56 32.77 -14.27
CA LYS A 905 -5.58 31.68 -14.50
C LYS A 905 -6.14 30.44 -15.28
N LYS A 906 -7.34 29.97 -14.92
CA LYS A 906 -8.17 28.96 -15.67
C LYS A 906 -8.03 27.46 -15.18
N LYS A 907 -8.48 27.24 -13.93
CA LYS A 907 -8.24 26.01 -13.18
C LYS A 907 -9.30 24.88 -13.40
N MET A 908 -8.84 23.65 -13.64
CA MET A 908 -9.72 22.52 -13.98
C MET A 908 -9.68 21.50 -12.86
N GLU A 909 -10.84 20.94 -12.53
CA GLU A 909 -10.95 20.00 -11.42
C GLU A 909 -11.54 18.68 -11.88
N PHE A 910 -10.87 17.58 -11.59
CA PHE A 910 -11.42 16.23 -11.76
C PHE A 910 -11.25 15.39 -10.46
N SER A 911 -12.25 14.60 -10.12
CA SER A 911 -12.25 13.77 -8.96
C SER A 911 -12.41 12.36 -9.43
N LEU A 912 -11.49 11.52 -9.00
CA LEU A 912 -11.45 10.12 -9.39
C LEU A 912 -11.45 9.26 -8.13
N LEU A 913 -12.31 8.25 -8.11
CA LEU A 913 -12.44 7.35 -7.01
C LEU A 913 -12.16 5.96 -7.52
N PHE A 914 -11.10 5.37 -7.01
CA PHE A 914 -10.69 4.05 -7.43
C PHE A 914 -11.19 3.13 -6.36
N LEU A 915 -12.10 2.23 -6.76
CA LEU A 915 -12.81 1.37 -5.84
C LEU A 915 -13.42 0.15 -6.56
N VAL A 916 -13.18 -1.02 -6.02
CA VAL A 916 -13.92 -2.23 -6.39
C VAL A 916 -15.28 -2.26 -5.64
N PHE A 917 -16.33 -1.93 -6.37
CA PHE A 917 -17.65 -1.90 -5.76
C PHE A 917 -18.11 -3.34 -5.55
N ASP A 918 -18.18 -3.77 -4.28
CA ASP A 918 -18.58 -5.10 -3.97
C ASP A 918 -20.10 -5.14 -3.82
N GLU A 919 -20.78 -5.46 -4.92
CA GLU A 919 -22.26 -5.52 -4.91
C GLU A 919 -22.81 -6.64 -4.07
N ASN A 920 -21.95 -7.55 -3.63
CA ASN A 920 -22.35 -8.55 -2.64
C ASN A 920 -22.69 -7.96 -1.28
N GLU A 921 -22.08 -6.80 -0.94
CA GLU A 921 -22.32 -6.12 0.34
C GLU A 921 -23.37 -5.02 0.21
N SER A 922 -23.97 -4.84 -0.96
CA SER A 922 -24.97 -3.78 -1.13
C SER A 922 -26.20 -4.17 -0.35
N TRP A 923 -26.85 -3.16 0.21
CA TRP A 923 -28.16 -3.33 0.79
C TRP A 923 -29.16 -3.81 -0.29
N TYR A 924 -28.88 -3.52 -1.57
CA TYR A 924 -29.80 -3.82 -2.65
C TYR A 924 -29.56 -5.17 -3.34
N LEU A 925 -28.73 -6.04 -2.75
CA LEU A 925 -28.37 -7.32 -3.42
C LEU A 925 -29.58 -8.23 -3.71
N ASP A 926 -30.45 -8.44 -2.73
CA ASP A 926 -31.66 -9.24 -2.94
C ASP A 926 -32.54 -8.63 -4.03
N ASP A 927 -32.72 -7.31 -4.02
CA ASP A 927 -33.55 -6.67 -5.05
C ASP A 927 -32.92 -6.88 -6.43
N ASN A 928 -31.60 -6.83 -6.49
CA ASN A 928 -30.88 -6.99 -7.74
C ASN A 928 -30.87 -8.42 -8.19
N ILE A 929 -30.87 -9.38 -7.27
CA ILE A 929 -31.01 -10.79 -7.65
C ILE A 929 -32.37 -10.99 -8.34
N ASN A 930 -33.42 -10.49 -7.71
CA ASN A 930 -34.79 -10.68 -8.20
C ASN A 930 -35.08 -9.88 -9.43
N THR A 931 -34.53 -8.67 -9.53
CA THR A 931 -34.77 -7.84 -10.70
C THR A 931 -34.02 -8.26 -11.94
N TYR A 932 -32.77 -8.72 -11.80
CA TYR A 932 -31.85 -8.85 -12.94
C TYR A 932 -31.51 -10.27 -13.40
N SER A 933 -31.45 -11.28 -12.53
CA SER A 933 -31.09 -12.59 -13.09
C SER A 933 -32.30 -13.23 -13.75
N ASP A 934 -32.00 -13.90 -14.85
CA ASP A 934 -32.96 -14.70 -15.60
C ASP A 934 -33.58 -15.80 -14.76
N HIS A 935 -32.81 -16.40 -13.85
CA HIS A 935 -33.30 -17.42 -12.93
C HIS A 935 -32.78 -17.21 -11.47
N PRO A 936 -33.36 -16.27 -10.69
CA PRO A 936 -32.96 -16.04 -9.27
C PRO A 936 -32.96 -17.24 -8.33
N GLU A 937 -33.80 -18.23 -8.63
CA GLU A 937 -33.82 -19.52 -7.92
C GLU A 937 -32.43 -20.17 -7.90
N LYS A 938 -31.72 -20.08 -9.03
CA LYS A 938 -30.42 -20.71 -9.20
C LYS A 938 -29.28 -20.01 -8.43
N VAL A 939 -29.52 -18.80 -7.92
CA VAL A 939 -28.44 -17.99 -7.33
C VAL A 939 -28.12 -18.51 -5.95
N ASN A 940 -26.85 -18.84 -5.76
CA ASN A 940 -26.27 -19.11 -4.45
C ASN A 940 -25.34 -17.95 -4.11
N LYS A 941 -25.61 -17.23 -3.03
CA LYS A 941 -24.80 -16.04 -2.66
C LYS A 941 -23.43 -16.40 -2.16
N ASP A 942 -23.24 -17.64 -1.72
CA ASP A 942 -21.94 -18.13 -1.21
C ASP A 942 -21.08 -18.76 -2.30
N ASN A 943 -21.63 -18.90 -3.50
CA ASN A 943 -20.88 -19.43 -4.63
C ASN A 943 -19.79 -18.41 -5.05
N GLU A 944 -18.55 -18.89 -5.19
CA GLU A 944 -17.39 -18.03 -5.40
C GLU A 944 -17.40 -17.33 -6.76
N GLU A 945 -17.92 -18.00 -7.78
CA GLU A 945 -17.97 -17.42 -9.13
C GLU A 945 -19.02 -16.27 -9.18
N PHE A 946 -20.10 -16.40 -8.39
CA PHE A 946 -21.19 -15.39 -8.30
C PHE A 946 -20.70 -14.17 -7.53
N ILE A 947 -20.05 -14.46 -6.42
CA ILE A 947 -19.40 -13.44 -5.64
C ILE A 947 -18.48 -12.62 -6.56
N GLU A 948 -17.64 -13.28 -7.34
CA GLU A 948 -16.71 -12.56 -8.23
C GLU A 948 -17.46 -11.70 -9.26
N SER A 949 -18.58 -12.20 -9.80
CA SER A 949 -19.38 -11.50 -10.82
C SER A 949 -19.94 -10.14 -10.40
N ASN A 950 -19.99 -9.94 -9.09
CA ASN A 950 -20.53 -8.74 -8.50
C ASN A 950 -19.45 -7.84 -7.92
N LYS A 951 -18.19 -8.14 -8.20
CA LYS A 951 -17.10 -7.24 -7.85
C LYS A 951 -16.78 -6.41 -9.05
N MET A 952 -17.17 -5.16 -8.96
CA MET A 952 -17.14 -4.25 -10.08
C MET A 952 -15.96 -3.28 -9.95
N HIS A 953 -14.91 -3.55 -10.70
CA HIS A 953 -13.59 -2.88 -10.53
C HIS A 953 -13.54 -1.57 -11.35
N ALA A 954 -13.85 -0.46 -10.71
CA ALA A 954 -14.26 0.77 -11.42
C ALA A 954 -13.56 2.05 -11.00
N ILE A 955 -13.65 3.02 -11.90
CA ILE A 955 -13.31 4.42 -11.62
C ILE A 955 -14.60 5.23 -11.70
N ASN A 956 -14.98 5.83 -10.57
CA ASN A 956 -16.24 6.55 -10.37
C ASN A 956 -17.43 5.69 -10.77
N GLY A 957 -17.39 4.41 -10.39
CA GLY A 957 -18.41 3.47 -10.79
C GLY A 957 -18.61 3.19 -12.28
N LYS A 958 -17.59 3.40 -13.09
CA LYS A 958 -17.62 3.05 -14.52
C LYS A 958 -16.39 2.24 -14.94
N MET A 959 -16.59 1.32 -15.88
CA MET A 959 -15.53 0.41 -16.35
C MET A 959 -15.22 0.57 -17.83
N PHE A 960 -14.06 0.05 -18.21
CA PHE A 960 -13.72 -0.16 -19.61
C PHE A 960 -14.09 1.02 -20.50
N GLY A 961 -13.64 2.20 -20.07
CA GLY A 961 -13.76 3.39 -20.88
C GLY A 961 -15.12 4.09 -20.85
N ASN A 962 -16.03 3.59 -20.03
CA ASN A 962 -17.31 4.27 -19.90
C ASN A 962 -17.27 5.52 -19.03
N LEU A 963 -16.13 5.85 -18.44
CA LEU A 963 -15.99 7.07 -17.67
C LEU A 963 -15.54 8.19 -18.59
N GLN A 964 -16.45 9.10 -18.89
CA GLN A 964 -16.20 10.09 -19.90
C GLN A 964 -16.19 11.43 -19.26
N GLY A 965 -15.89 12.45 -20.06
CA GLY A 965 -15.90 13.82 -19.63
C GLY A 965 -14.59 14.24 -19.02
N LEU A 966 -13.52 13.50 -19.25
CA LEU A 966 -12.19 13.94 -18.79
C LEU A 966 -11.49 14.67 -19.96
N THR A 967 -11.98 15.86 -20.27
CA THR A 967 -11.47 16.59 -21.42
C THR A 967 -10.89 17.95 -20.98
N MET A 968 -9.70 18.26 -21.51
CA MET A 968 -8.95 19.45 -21.20
C MET A 968 -8.18 19.91 -22.43
N HIS A 969 -7.53 21.06 -22.31
CA HIS A 969 -6.80 21.69 -23.38
C HIS A 969 -5.34 21.85 -22.98
N VAL A 970 -4.44 21.85 -23.97
CA VAL A 970 -3.03 22.18 -23.77
C VAL A 970 -2.97 23.56 -23.08
N GLY A 971 -2.10 23.67 -22.07
CA GLY A 971 -1.97 24.90 -21.30
C GLY A 971 -2.92 25.05 -20.12
N ASP A 972 -3.84 24.10 -19.93
CA ASP A 972 -4.71 24.13 -18.74
C ASP A 972 -3.89 23.83 -17.47
N GLU A 973 -4.38 24.30 -16.32
CA GLU A 973 -3.86 23.88 -15.01
C GLU A 973 -4.90 22.97 -14.40
N VAL A 974 -4.54 21.73 -14.14
CA VAL A 974 -5.53 20.73 -13.76
C VAL A 974 -5.19 20.21 -12.38
N ASN A 975 -6.17 20.25 -11.49
CA ASN A 975 -6.16 19.45 -10.26
C ASN A 975 -6.94 18.16 -10.47
N TRP A 976 -6.30 17.04 -10.17
CA TRP A 976 -6.95 15.76 -10.04
C TRP A 976 -7.02 15.40 -8.56
N TYR A 977 -8.22 15.20 -8.04
CA TYR A 977 -8.48 14.76 -6.68
C TYR A 977 -8.72 13.27 -6.71
N VAL A 978 -7.70 12.49 -6.36
CA VAL A 978 -7.78 11.03 -6.45
C VAL A 978 -8.07 10.44 -5.08
N MET A 979 -8.90 9.39 -5.05
CA MET A 979 -9.36 8.78 -3.79
C MET A 979 -9.50 7.27 -3.88
N ALA A 980 -9.17 6.59 -2.80
CA ALA A 980 -9.51 5.19 -2.66
C ALA A 980 -10.21 4.95 -1.34
N MET A 981 -11.03 3.92 -1.38
CA MET A 981 -11.81 3.43 -0.27
C MET A 981 -11.87 1.92 -0.48
N GLY A 982 -12.56 1.22 0.38
CA GLY A 982 -12.77 -0.19 0.16
C GLY A 982 -12.03 -1.17 1.05
N ASN A 983 -11.60 -2.26 0.41
CA ASN A 983 -11.18 -3.49 1.10
C ASN A 983 -9.66 -3.66 1.03
N GLU A 984 -9.15 -4.78 1.52
CA GLU A 984 -7.72 -5.15 1.54
C GLU A 984 -7.08 -5.10 0.17
N ILE A 985 -7.96 -5.30 -0.78
CA ILE A 985 -7.72 -5.53 -2.18
C ILE A 985 -7.71 -4.23 -2.95
N ASP A 986 -8.17 -3.15 -2.31
CA ASP A 986 -8.25 -1.83 -2.93
C ASP A 986 -6.92 -1.08 -2.79
N LEU A 987 -5.86 -1.72 -3.29
CA LEU A 987 -4.62 -1.03 -3.59
C LEU A 987 -4.65 -0.63 -5.08
N HIS A 988 -4.58 0.66 -5.35
CA HIS A 988 -4.74 1.19 -6.68
C HIS A 988 -3.56 2.10 -6.92
N THR A 989 -2.84 1.82 -8.00
CA THR A 989 -1.67 2.58 -8.40
C THR A 989 -2.05 3.28 -9.68
N VAL A 990 -2.32 4.58 -9.56
CA VAL A 990 -2.92 5.37 -10.61
C VAL A 990 -1.85 5.86 -11.56
N HIS A 991 -2.00 5.50 -12.82
CA HIS A 991 -1.08 5.87 -13.86
C HIS A 991 -1.78 6.63 -15.02
N PHE A 992 -1.28 7.81 -15.33
CA PHE A 992 -1.73 8.56 -16.48
C PHE A 992 -0.69 8.38 -17.59
N HIS A 993 -1.11 7.85 -18.75
CA HIS A 993 -0.30 7.89 -19.96
C HIS A 993 -0.25 9.34 -20.41
N GLY A 994 0.85 9.69 -21.05
CA GLY A 994 1.02 10.99 -21.68
C GLY A 994 1.41 12.18 -20.83
N HIS A 995 1.24 12.09 -19.52
CA HIS A 995 1.66 13.17 -18.64
C HIS A 995 1.99 12.65 -17.27
N SER A 996 3.01 13.25 -16.69
CA SER A 996 3.33 13.14 -15.29
C SER A 996 2.53 14.25 -14.56
N PHE A 997 2.56 14.16 -13.22
CA PHE A 997 1.85 15.11 -12.35
C PHE A 997 2.75 15.46 -11.21
N GLN A 998 2.31 16.42 -10.42
CA GLN A 998 3.04 16.83 -9.23
C GLN A 998 2.15 16.90 -8.04
N TYR A 999 2.75 16.85 -6.87
CA TYR A 999 2.01 16.92 -5.62
C TYR A 999 2.86 17.54 -4.53
N LYS A 1000 2.22 17.78 -3.40
CA LYS A 1000 2.71 18.70 -2.37
C LYS A 1000 2.76 20.15 -2.83
N HIS A 1001 2.96 21.03 -1.87
CA HIS A 1001 3.06 22.50 -2.08
C HIS A 1001 4.05 22.80 -3.19
N ARG A 1002 3.61 23.58 -4.16
CA ARG A 1002 4.41 24.07 -5.28
C ARG A 1002 4.84 22.99 -6.25
N GLY A 1003 4.18 21.86 -6.20
CA GLY A 1003 4.55 20.71 -7.05
C GLY A 1003 6.00 20.27 -6.92
N ILE A 1004 6.52 20.27 -5.70
CA ILE A 1004 7.90 19.83 -5.43
C ILE A 1004 8.22 18.38 -5.76
N HIS A 1005 7.20 17.50 -5.73
CA HIS A 1005 7.38 16.12 -6.13
C HIS A 1005 6.61 15.83 -7.41
N SER A 1006 7.18 14.90 -8.18
CA SER A 1006 6.71 14.55 -9.50
C SER A 1006 6.69 13.03 -9.66
N SER A 1007 5.70 12.53 -10.37
CA SER A 1007 5.61 11.10 -10.70
C SER A 1007 4.59 10.86 -11.79
N ASP A 1008 4.48 9.63 -12.26
CA ASP A 1008 3.30 9.27 -13.06
C ASP A 1008 2.56 8.04 -12.60
N VAL A 1009 2.93 7.55 -11.42
CA VAL A 1009 2.12 6.55 -10.71
C VAL A 1009 1.90 7.09 -9.28
N PHE A 1010 0.66 7.16 -8.82
CA PHE A 1010 0.37 7.55 -7.42
C PHE A 1010 -0.31 6.37 -6.74
N ASP A 1011 0.24 5.97 -5.60
CA ASP A 1011 -0.25 4.85 -4.81
C ASP A 1011 -1.47 5.24 -3.94
N LEU A 1012 -2.59 4.52 -4.08
CA LEU A 1012 -3.81 4.78 -3.28
C LEU A 1012 -4.22 3.54 -2.57
N PHE A 1013 -4.75 3.70 -1.36
CA PHE A 1013 -5.26 2.61 -0.52
C PHE A 1013 -6.55 3.09 0.15
N PRO A 1014 -7.26 2.22 0.85
CA PRO A 1014 -8.48 2.74 1.48
C PRO A 1014 -8.20 3.93 2.38
N GLY A 1015 -8.88 5.04 2.12
CA GLY A 1015 -8.71 6.28 2.84
C GLY A 1015 -7.63 7.21 2.33
N THR A 1016 -6.96 6.88 1.22
CA THR A 1016 -5.93 7.81 0.71
C THR A 1016 -6.59 8.85 -0.21
N TYR A 1017 -6.30 10.12 0.04
CA TYR A 1017 -6.84 11.24 -0.73
C TYR A 1017 -5.73 12.21 -1.04
N GLN A 1018 -5.62 12.61 -2.30
CA GLN A 1018 -4.52 13.45 -2.74
C GLN A 1018 -4.89 14.35 -3.90
N THR A 1019 -4.42 15.58 -3.86
CA THR A 1019 -4.39 16.48 -5.03
C THR A 1019 -3.14 16.24 -5.87
N LEU A 1020 -3.35 15.95 -7.17
CA LEU A 1020 -2.29 15.85 -8.18
C LEU A 1020 -2.47 17.01 -9.15
N GLU A 1021 -1.41 17.76 -9.40
CA GLU A 1021 -1.46 18.87 -10.33
C GLU A 1021 -0.89 18.37 -11.63
N MET A 1022 -1.55 18.66 -12.73
CA MET A 1022 -1.04 18.28 -14.06
C MET A 1022 -1.05 19.52 -14.95
N PHE A 1023 -0.07 19.61 -15.86
CA PHE A 1023 0.03 20.71 -16.83
C PHE A 1023 0.07 20.10 -18.22
N PRO A 1024 -1.11 19.77 -18.77
CA PRO A 1024 -1.19 19.11 -20.07
C PRO A 1024 -0.54 19.94 -21.19
N GLN A 1025 0.26 19.27 -22.00
CA GLN A 1025 1.00 19.87 -23.09
C GLN A 1025 1.11 19.01 -24.37
N THR A 1026 0.97 17.69 -24.28
CA THR A 1026 0.85 16.81 -25.44
C THR A 1026 -0.59 16.39 -25.80
N PRO A 1027 -1.10 16.86 -26.98
CA PRO A 1027 -2.44 16.48 -27.40
C PRO A 1027 -2.61 14.99 -27.63
N GLY A 1028 -3.81 14.51 -27.44
CA GLY A 1028 -4.17 13.13 -27.70
C GLY A 1028 -5.28 12.65 -26.78
N THR A 1029 -5.61 11.37 -26.94
CA THR A 1029 -6.51 10.67 -26.07
C THR A 1029 -5.70 9.57 -25.38
N TRP A 1030 -5.63 9.66 -24.06
CA TRP A 1030 -4.61 8.97 -23.27
C TRP A 1030 -5.21 8.02 -22.23
N LEU A 1031 -4.58 6.86 -22.05
CA LEU A 1031 -5.05 5.85 -21.09
C LEU A 1031 -4.83 6.35 -19.66
N LEU A 1032 -5.76 5.97 -18.79
CA LEU A 1032 -5.79 6.34 -17.39
C LEU A 1032 -6.23 5.06 -16.67
N HIS A 1033 -5.36 4.46 -15.89
CA HIS A 1033 -5.73 3.18 -15.30
C HIS A 1033 -4.95 2.88 -14.05
N CYS A 1034 -5.55 2.04 -13.23
CA CYS A 1034 -4.85 1.49 -12.11
C CYS A 1034 -3.83 0.53 -12.66
N HIS A 1035 -2.69 0.40 -12.01
CA HIS A 1035 -1.64 -0.42 -12.63
C HIS A 1035 -1.59 -1.84 -12.08
N VAL A 1036 -2.56 -2.22 -11.24
CA VAL A 1036 -2.56 -3.58 -10.75
C VAL A 1036 -3.27 -4.51 -11.75
N THR A 1037 -2.60 -5.60 -12.08
CA THR A 1037 -3.04 -6.57 -13.09
C THR A 1037 -4.54 -6.90 -13.02
N ASP A 1038 -4.97 -7.45 -11.89
CA ASP A 1038 -6.37 -7.88 -11.70
C ASP A 1038 -7.30 -6.73 -12.03
N HIS A 1039 -6.91 -5.51 -11.67
CA HIS A 1039 -7.78 -4.38 -11.81
C HIS A 1039 -7.85 -3.88 -13.22
N ILE A 1040 -6.73 -3.87 -13.95
CA ILE A 1040 -6.77 -3.48 -15.39
C ILE A 1040 -7.66 -4.49 -16.12
N HIS A 1041 -7.40 -5.79 -15.91
CA HIS A 1041 -8.16 -6.83 -16.61
C HIS A 1041 -9.63 -6.80 -16.31
N ALA A 1042 -9.98 -6.37 -15.10
CA ALA A 1042 -11.37 -6.32 -14.66
C ALA A 1042 -12.09 -5.04 -15.01
N GLY A 1043 -11.40 -4.08 -15.57
CA GLY A 1043 -12.03 -2.90 -16.15
C GLY A 1043 -11.73 -1.53 -15.55
N MET A 1044 -10.74 -1.43 -14.66
CA MET A 1044 -10.45 -0.15 -13.94
C MET A 1044 -9.59 0.68 -14.83
N VAL A 1045 -10.20 1.17 -15.90
CA VAL A 1045 -9.48 1.91 -16.96
C VAL A 1045 -10.43 2.84 -17.73
N THR A 1046 -9.89 3.97 -18.16
CA THR A 1046 -10.56 4.88 -19.03
C THR A 1046 -9.53 5.70 -19.81
N THR A 1047 -9.99 6.74 -20.49
CA THR A 1047 -9.09 7.69 -21.11
C THR A 1047 -9.42 9.13 -20.71
N TYR A 1048 -8.43 10.01 -20.88
CA TYR A 1048 -8.63 11.46 -20.79
C TYR A 1048 -8.09 12.04 -22.10
N THR A 1049 -8.64 13.18 -22.51
CA THR A 1049 -8.34 13.73 -23.79
C THR A 1049 -7.80 15.12 -23.61
N VAL A 1050 -6.62 15.37 -24.18
CA VAL A 1050 -6.01 16.68 -24.19
C VAL A 1050 -6.13 17.19 -25.62
N LEU A 1051 -6.85 18.28 -25.79
CA LEU A 1051 -7.04 18.93 -27.10
C LEU A 1051 -6.03 20.06 -27.33
N PRO A 1052 -5.65 20.36 -28.62
CA PRO A 1052 -4.76 21.52 -28.90
C PRO A 1052 -5.35 22.87 -28.45
N ASN A 1053 -4.51 23.85 -28.15
CA ASN A 1053 -4.95 25.04 -27.42
C ASN A 1053 -6.14 25.81 -28.06
C1 NAG B . -23.29 -14.11 25.57
C2 NAG B . -23.02 -14.00 27.09
C3 NAG B . -22.62 -15.41 27.62
C4 NAG B . -23.76 -16.42 27.42
C5 NAG B . -24.16 -16.48 25.93
C6 NAG B . -25.52 -17.20 25.79
C7 NAG B . -22.07 -11.74 27.73
C8 NAG B . -20.80 -11.02 28.12
N2 NAG B . -21.94 -13.05 27.46
O3 NAG B . -22.21 -15.38 29.00
O4 NAG B . -23.38 -17.72 27.96
O5 NAG B . -24.27 -15.15 25.31
O6 NAG B . -25.54 -18.09 24.66
O7 NAG B . -23.12 -11.14 27.67
CU CU C . -0.74 1.55 -19.37
CU CU D . 7.15 -8.69 -1.07
CU CU E . 2.40 4.34 -19.15
CU CU F . -6.46 -0.88 -8.59
CU CU G . 3.27 1.05 -16.80
CU CU H . -6.79 -2.78 8.69
CU CU I . -10.08 -10.65 7.14
CU CU J . -10.54 -8.55 -8.66
CU CU K . 15.81 3.37 10.89
CA CA L . 0.39 4.96 -30.95
NA NA M . 8.20 -23.02 -10.26
NA NA N . 2.38 -29.14 -15.55
#